data_3RZ3
#
_entry.id   3RZ3
#
_cell.length_a   121.797
_cell.length_b   139.525
_cell.length_c   216.059
_cell.angle_alpha   90.00
_cell.angle_beta   90.00
_cell.angle_gamma   90.00
#
_symmetry.space_group_name_H-M   'F 2 2 2'
#
loop_
_entity.id
_entity.type
_entity.pdbx_description
1 polymer 'Ubiquitin-conjugating enzyme E2 R1'
2 non-polymer "4,5-dideoxy-5-(3',5'-dichlorobiphenyl-4-yl)-4-[(methoxyacetyl)amino]-L-arabinonic acid"
3 water water
#
_entity_poly.entity_id   1
_entity_poly.type   'polypeptide(L)'
_entity_poly.pdbx_seq_one_letter_code
;GAMGSPSSQKALLLELKGLQEEPVEGFRVTLVDEGDLYNWEVAIFGPPNTYYEGGYFKARLKFPIDYPYSPPAFRFLTKM
WHPNIYETGDVCISILHPPVDDPQSGELPSERWNPTQNVRTILLSVISLLNEPNTFSPANVDASVMYRKWKESKGKDREY
TDIIRKQVLGTKVDAERDGVKVP
;
_entity_poly.pdbx_strand_id   A,B,C,D
#
loop_
_chem_comp.id
_chem_comp.type
_chem_comp.name
_chem_comp.formula
U94 non-polymer '4,5-dideoxy-5-(3',5'-dichlorobiphenyl-4-yl)-4-[(methoxyacetyl)amino]-L-arabinonic acid' 'C20 H21 Cl2 N O6'
#
# COMPACT_ATOMS: atom_id res chain seq x y z
N SER A 5 -43.29 27.85 9.48
CA SER A 5 -42.61 26.97 8.44
C SER A 5 -41.14 26.58 8.75
N PRO A 6 -40.82 25.25 8.75
CA PRO A 6 -39.40 24.80 8.91
C PRO A 6 -38.44 25.41 7.91
N SER A 7 -37.39 25.93 8.50
CA SER A 7 -36.24 26.53 7.90
C SER A 7 -35.66 25.55 6.81
N SER A 8 -35.67 24.25 7.17
CA SER A 8 -35.20 23.20 6.27
C SER A 8 -35.92 23.21 4.94
N GLN A 9 -37.20 23.61 4.93
CA GLN A 9 -38.01 23.42 3.74
C GLN A 9 -37.42 24.24 2.57
N LYS A 10 -37.16 25.49 2.87
CA LYS A 10 -36.66 26.40 1.90
C LYS A 10 -35.23 26.09 1.51
N ALA A 11 -34.42 25.70 2.50
CA ALA A 11 -33.07 25.29 2.17
C ALA A 11 -33.14 24.06 1.23
N LEU A 12 -34.04 23.12 1.47
CA LEU A 12 -34.05 21.92 0.54
C LEU A 12 -34.63 22.22 -0.87
N LEU A 13 -35.66 23.04 -0.95
CA LEU A 13 -36.26 23.35 -2.25
C LEU A 13 -35.20 24.06 -3.11
N LEU A 14 -34.41 24.92 -2.48
CA LEU A 14 -33.33 25.66 -3.21
C LEU A 14 -32.22 24.68 -3.65
N GLU A 15 -31.86 23.78 -2.77
CA GLU A 15 -30.75 22.86 -3.02
C GLU A 15 -31.21 21.88 -4.16
N LEU A 16 -32.44 21.38 -4.08
CA LEU A 16 -33.04 20.56 -5.15
C LEU A 16 -32.96 21.27 -6.51
N LYS A 17 -33.36 22.52 -6.55
CA LYS A 17 -33.36 23.31 -7.80
C LYS A 17 -31.93 23.48 -8.36
N GLY A 18 -31.01 23.87 -7.49
CA GLY A 18 -29.59 23.99 -7.82
C GLY A 18 -29.04 22.70 -8.45
N LEU A 19 -29.43 21.55 -7.90
CA LEU A 19 -28.90 20.33 -8.42
C LEU A 19 -29.65 19.85 -9.67
N GLN A 20 -30.84 20.39 -9.90
CA GLN A 20 -31.47 19.91 -11.12
C GLN A 20 -30.99 20.82 -12.30
N GLU A 21 -30.60 22.07 -11.97
CA GLU A 21 -30.12 23.08 -12.95
C GLU A 21 -28.65 22.87 -13.23
N GLU A 22 -27.86 22.53 -12.23
CA GLU A 22 -26.42 22.28 -12.45
C GLU A 22 -26.07 20.97 -11.76
N PRO A 23 -26.39 19.86 -12.43
CA PRO A 23 -26.19 18.58 -11.79
C PRO A 23 -24.75 18.31 -11.49
N VAL A 24 -24.52 17.47 -10.50
CA VAL A 24 -23.20 16.88 -10.35
C VAL A 24 -23.17 15.83 -11.46
N GLU A 25 -22.04 15.81 -12.21
CA GLU A 25 -21.80 14.90 -13.29
C GLU A 25 -22.06 13.47 -12.83
N GLY A 26 -22.87 12.72 -13.59
CA GLY A 26 -23.23 11.37 -13.18
C GLY A 26 -24.41 11.24 -12.23
N PHE A 27 -24.87 12.33 -11.59
CA PHE A 27 -25.98 12.19 -10.64
C PHE A 27 -27.25 12.89 -11.10
N ARG A 28 -28.39 12.35 -10.73
CA ARG A 28 -29.70 12.92 -11.08
C ARG A 28 -30.52 12.75 -9.81
N VAL A 29 -31.01 13.88 -9.35
CA VAL A 29 -31.66 13.99 -8.06
C VAL A 29 -33.17 14.30 -8.30
N THR A 30 -34.08 13.63 -7.58
CA THR A 30 -35.50 14.00 -7.59
C THR A 30 -36.06 13.71 -6.22
N LEU A 31 -37.32 14.06 -5.98
CA LEU A 31 -38.02 13.52 -4.76
C LEU A 31 -38.44 12.09 -5.04
N VAL A 32 -38.69 11.32 -3.98
CA VAL A 32 -39.43 10.07 -4.14
C VAL A 32 -40.84 10.35 -4.66
N ASP A 33 -41.50 9.33 -5.16
CA ASP A 33 -42.77 9.49 -5.95
C ASP A 33 -43.92 10.12 -5.20
N GLU A 34 -43.84 10.16 -3.85
CA GLU A 34 -44.91 10.70 -3.05
C GLU A 34 -44.73 12.18 -2.77
N GLY A 35 -43.56 12.70 -3.13
CA GLY A 35 -43.32 14.10 -3.10
C GLY A 35 -42.87 14.55 -1.76
N ASP A 36 -42.17 13.67 -1.04
CA ASP A 36 -41.65 14.05 0.25
C ASP A 36 -40.36 14.81 0.06
N LEU A 37 -40.36 16.12 0.26
CA LEU A 37 -39.17 16.93 0.27
C LEU A 37 -37.99 16.36 1.03
N TYR A 38 -38.27 15.57 2.05
CA TYR A 38 -37.23 15.03 2.95
C TYR A 38 -36.64 13.69 2.54
N ASN A 39 -36.96 13.22 1.35
CA ASN A 39 -36.52 11.86 0.90
C ASN A 39 -36.30 11.91 -0.60
N TRP A 40 -35.03 11.95 -1.02
CA TRP A 40 -34.62 12.17 -2.41
C TRP A 40 -34.13 10.83 -3.04
N GLU A 41 -34.54 10.60 -4.30
CA GLU A 41 -33.97 9.58 -5.17
C GLU A 41 -32.76 10.14 -5.80
N VAL A 42 -31.74 9.30 -5.86
CA VAL A 42 -30.49 9.63 -6.52
C VAL A 42 -30.17 8.53 -7.52
N ALA A 43 -30.11 8.92 -8.78
CA ALA A 43 -29.77 8.02 -9.86
C ALA A 43 -28.31 8.33 -10.22
N ILE A 44 -27.48 7.27 -10.32
CA ILE A 44 -26.05 7.45 -10.46
C ILE A 44 -25.58 6.62 -11.64
N PHE A 45 -24.88 7.25 -12.58
CA PHE A 45 -24.37 6.56 -13.76
C PHE A 45 -22.86 6.33 -13.74
N GLY A 46 -22.45 5.09 -14.05
CA GLY A 46 -21.03 4.82 -14.16
C GLY A 46 -20.41 5.59 -15.32
N PRO A 47 -19.26 6.24 -15.07
CA PRO A 47 -18.61 7.08 -16.12
C PRO A 47 -17.83 6.25 -17.13
N PRO A 48 -17.68 6.76 -18.37
CA PRO A 48 -16.88 6.05 -19.40
C PRO A 48 -15.48 5.70 -18.91
N ASN A 49 -14.91 4.64 -19.45
CA ASN A 49 -13.52 4.24 -19.13
C ASN A 49 -13.34 3.78 -17.67
N THR A 50 -14.41 3.29 -17.03
CA THR A 50 -14.28 2.70 -15.72
C THR A 50 -15.00 1.35 -15.81
N TYR A 51 -14.81 0.50 -14.82
CA TYR A 51 -15.60 -0.69 -14.77
C TYR A 51 -17.09 -0.47 -14.46
N TYR A 52 -17.45 0.74 -14.04
CA TYR A 52 -18.83 1.08 -13.74
C TYR A 52 -19.59 1.55 -14.97
N GLU A 53 -18.90 1.67 -16.08
CA GLU A 53 -19.53 2.23 -17.22
C GLU A 53 -20.75 1.45 -17.76
N GLY A 54 -21.79 2.22 -18.09
CA GLY A 54 -23.06 1.63 -18.45
C GLY A 54 -23.91 1.32 -17.20
N GLY A 55 -23.34 1.39 -16.00
CA GLY A 55 -24.17 1.26 -14.78
C GLY A 55 -25.28 2.22 -14.48
N TYR A 56 -26.33 1.72 -13.85
CA TYR A 56 -27.42 2.58 -13.34
C TYR A 56 -27.61 2.22 -11.88
N PHE A 57 -27.18 3.09 -10.95
CA PHE A 57 -27.25 2.70 -9.54
C PHE A 57 -28.21 3.64 -8.83
N LYS A 58 -28.96 3.14 -7.87
CA LYS A 58 -29.96 3.97 -7.25
C LYS A 58 -29.63 4.09 -5.79
N ALA A 59 -29.80 5.29 -5.24
CA ALA A 59 -29.55 5.52 -3.87
C ALA A 59 -30.62 6.48 -3.31
N ARG A 60 -30.56 6.74 -1.99
CA ARG A 60 -31.47 7.65 -1.33
C ARG A 60 -30.85 8.57 -0.29
N LEU A 61 -31.31 9.82 -0.24
CA LEU A 61 -30.89 10.73 0.83
C LEU A 61 -32.10 10.93 1.66
N LYS A 62 -31.97 10.80 2.98
CA LYS A 62 -33.11 10.99 3.90
C LYS A 62 -32.67 12.13 4.80
N PHE A 63 -33.39 13.24 4.73
CA PHE A 63 -32.99 14.47 5.45
C PHE A 63 -33.73 14.66 6.73
N PRO A 64 -33.02 15.21 7.74
CA PRO A 64 -33.87 15.40 8.97
C PRO A 64 -34.62 16.77 8.92
N ILE A 65 -35.52 17.03 9.87
CA ILE A 65 -36.36 18.20 9.79
C ILE A 65 -35.50 19.39 10.14
N ASP A 66 -34.36 19.15 10.80
CA ASP A 66 -33.59 20.29 11.24
C ASP A 66 -32.44 20.58 10.25
N TYR A 67 -32.46 19.88 9.08
CA TYR A 67 -31.37 20.11 8.07
C TYR A 67 -31.25 21.62 7.83
N PRO A 68 -30.05 22.19 7.75
CA PRO A 68 -28.71 21.57 7.70
C PRO A 68 -27.91 21.53 9.03
N TYR A 69 -28.58 21.70 10.14
CA TYR A 69 -27.89 21.57 11.39
C TYR A 69 -27.56 20.11 11.73
N SER A 70 -28.29 19.15 11.15
CA SER A 70 -27.93 17.76 11.18
C SER A 70 -27.90 17.26 9.74
N PRO A 71 -27.07 16.24 9.52
CA PRO A 71 -26.81 15.67 8.21
C PRO A 71 -27.89 14.70 7.68
N PRO A 72 -28.05 14.64 6.34
CA PRO A 72 -28.95 13.63 5.85
C PRO A 72 -28.29 12.25 6.02
N ALA A 73 -29.03 11.20 5.68
CA ALA A 73 -28.43 9.85 5.60
C ALA A 73 -28.43 9.43 4.15
N PHE A 74 -27.35 8.77 3.71
CA PHE A 74 -27.25 8.34 2.35
C PHE A 74 -27.19 6.79 2.26
N ARG A 75 -27.88 6.15 1.32
CA ARG A 75 -27.92 4.66 1.27
C ARG A 75 -28.08 4.29 -0.13
N PHE A 76 -27.23 3.38 -0.66
CA PHE A 76 -27.54 2.68 -1.90
C PHE A 76 -28.74 1.76 -1.79
N LEU A 77 -29.64 1.77 -2.77
CA LEU A 77 -30.68 0.73 -2.89
C LEU A 77 -30.08 -0.43 -3.73
N THR A 78 -29.40 -0.13 -4.85
CA THR A 78 -28.65 -1.13 -5.59
C THR A 78 -27.62 -1.77 -4.71
N LYS A 79 -27.51 -3.10 -4.80
CA LYS A 79 -26.47 -3.83 -4.02
C LYS A 79 -25.12 -3.52 -4.62
N MET A 80 -24.12 -3.23 -3.80
CA MET A 80 -22.81 -2.83 -4.40
C MET A 80 -21.63 -3.44 -3.65
N TRP A 81 -20.61 -3.81 -4.41
CA TRP A 81 -19.51 -4.53 -3.83
C TRP A 81 -18.36 -3.52 -3.81
N HIS A 82 -17.96 -3.09 -2.64
CA HIS A 82 -16.98 -1.99 -2.53
C HIS A 82 -16.46 -1.96 -1.11
N PRO A 83 -15.12 -1.74 -0.90
CA PRO A 83 -14.55 -1.79 0.49
C PRO A 83 -15.27 -0.83 1.43
N ASN A 84 -15.90 0.21 0.85
CA ASN A 84 -16.60 1.21 1.69
C ASN A 84 -18.10 1.30 1.71
N ILE A 85 -18.77 0.24 1.28
CA ILE A 85 -20.22 0.31 1.27
C ILE A 85 -20.70 -0.93 2.00
N TYR A 86 -21.59 -0.79 2.97
CA TYR A 86 -22.05 -1.93 3.76
C TYR A 86 -22.99 -2.78 2.93
N GLU A 87 -23.07 -4.07 3.25
CA GLU A 87 -24.20 -4.96 2.84
C GLU A 87 -25.54 -4.25 2.76
N THR A 88 -25.84 -3.47 3.78
CA THR A 88 -27.08 -2.72 3.81
C THR A 88 -27.23 -1.58 2.79
N GLY A 89 -26.16 -1.17 2.10
CA GLY A 89 -26.24 0.10 1.38
C GLY A 89 -25.68 1.32 2.09
N ASP A 90 -25.58 1.31 3.42
CA ASP A 90 -25.00 2.47 4.10
C ASP A 90 -23.58 2.67 3.62
N VAL A 91 -23.06 3.86 3.87
CA VAL A 91 -21.84 4.31 3.25
C VAL A 91 -20.87 4.89 4.32
N CYS A 92 -19.58 4.87 3.99
CA CYS A 92 -18.47 5.26 4.90
C CYS A 92 -18.00 6.73 4.70
N ILE A 93 -18.83 7.73 5.04
CA ILE A 93 -18.51 9.12 4.64
C ILE A 93 -18.39 10.00 5.87
N SER A 94 -17.18 10.49 6.08
CA SER A 94 -16.90 11.23 7.30
C SER A 94 -17.85 12.39 7.34
N ILE A 95 -17.95 13.13 6.25
CA ILE A 95 -18.66 14.38 6.43
C ILE A 95 -20.09 14.23 6.93
N LEU A 96 -20.65 13.03 6.80
CA LEU A 96 -21.94 12.71 7.37
C LEU A 96 -21.85 12.49 8.89
N GLU A 111 -14.31 17.95 7.20
CA GLU A 111 -14.20 16.50 7.48
C GLU A 111 -15.38 15.89 8.30
N ARG A 112 -16.03 16.71 9.14
CA ARG A 112 -17.28 16.32 9.78
C ARG A 112 -18.38 17.28 9.36
N TRP A 113 -19.62 16.92 9.68
CA TRP A 113 -20.80 17.71 9.29
C TRP A 113 -20.79 19.11 9.91
N ASN A 114 -21.25 20.07 9.10
CA ASN A 114 -21.47 21.51 9.42
C ASN A 114 -22.70 21.99 8.87
N PRO A 115 -23.24 23.09 9.45
CA PRO A 115 -24.43 23.73 8.82
C PRO A 115 -24.10 24.38 7.48
N THR A 116 -22.82 24.42 7.11
CA THR A 116 -22.48 24.96 5.81
C THR A 116 -22.13 23.92 4.83
N GLN A 117 -22.16 22.66 5.20
CA GLN A 117 -22.06 21.69 4.15
C GLN A 117 -23.41 21.45 3.47
N ASN A 118 -23.42 20.83 2.29
CA ASN A 118 -24.69 20.83 1.53
C ASN A 118 -24.73 19.63 0.64
N VAL A 119 -25.83 19.44 -0.13
CA VAL A 119 -26.01 18.18 -0.89
C VAL A 119 -24.96 18.07 -1.95
N ARG A 120 -24.67 19.17 -2.62
CA ARG A 120 -23.57 19.10 -3.61
C ARG A 120 -22.26 18.52 -2.99
N THR A 121 -21.84 18.95 -1.80
CA THR A 121 -20.62 18.37 -1.24
C THR A 121 -20.83 16.90 -0.92
N ILE A 122 -22.01 16.49 -0.46
CA ILE A 122 -22.22 15.08 -0.11
C ILE A 122 -22.04 14.22 -1.34
N LEU A 123 -22.50 14.73 -2.46
CA LEU A 123 -22.55 13.95 -3.66
C LEU A 123 -21.15 13.83 -4.20
N LEU A 124 -20.38 14.93 -4.11
CA LEU A 124 -18.97 14.82 -4.50
C LEU A 124 -18.20 13.90 -3.54
N SER A 125 -18.55 13.84 -2.25
CA SER A 125 -17.77 12.94 -1.38
C SER A 125 -18.17 11.46 -1.63
N VAL A 126 -19.37 11.22 -2.18
CA VAL A 126 -19.68 9.86 -2.66
C VAL A 126 -18.82 9.49 -3.91
N ILE A 127 -18.74 10.38 -4.90
CA ILE A 127 -17.90 10.09 -6.01
C ILE A 127 -16.45 9.82 -5.51
N SER A 128 -16.02 10.56 -4.50
CA SER A 128 -14.64 10.38 -4.03
C SER A 128 -14.45 8.98 -3.31
N LEU A 129 -15.40 8.58 -2.48
CA LEU A 129 -15.42 7.26 -1.88
C LEU A 129 -15.46 6.16 -2.94
N LEU A 130 -16.36 6.33 -3.91
CA LEU A 130 -16.36 5.51 -5.11
C LEU A 130 -14.96 5.41 -5.73
N ASN A 131 -14.42 6.52 -6.19
CA ASN A 131 -13.23 6.33 -7.00
C ASN A 131 -11.94 5.96 -6.30
N GLU A 132 -11.84 6.19 -5.00
CA GLU A 132 -10.66 5.84 -4.27
C GLU A 132 -11.03 5.15 -2.99
N PRO A 133 -11.10 3.83 -3.06
CA PRO A 133 -11.48 3.11 -1.84
C PRO A 133 -10.46 3.25 -0.65
N ASN A 134 -10.99 3.44 0.55
CA ASN A 134 -10.21 3.34 1.76
C ASN A 134 -10.26 1.93 2.33
N THR A 135 -9.24 1.14 2.07
CA THR A 135 -9.14 -0.16 2.69
C THR A 135 -8.59 -0.12 4.16
N PHE A 136 -8.36 1.07 4.74
CA PHE A 136 -7.88 1.13 6.14
C PHE A 136 -8.97 0.70 7.14
N SER A 137 -10.14 1.36 7.14
CA SER A 137 -11.26 0.92 8.00
C SER A 137 -12.43 0.51 7.08
N PRO A 138 -12.41 -0.75 6.62
CA PRO A 138 -13.39 -1.17 5.62
C PRO A 138 -14.81 -1.24 6.20
N ALA A 139 -15.80 -1.07 5.36
CA ALA A 139 -17.19 -1.40 5.66
C ALA A 139 -17.47 -2.83 5.15
N ASN A 140 -16.76 -3.29 4.12
CA ASN A 140 -17.02 -4.60 3.56
C ASN A 140 -15.65 -5.26 3.48
N VAL A 141 -15.34 -6.05 4.49
CA VAL A 141 -13.96 -6.46 4.70
C VAL A 141 -13.50 -7.43 3.60
N ASP A 142 -14.41 -8.24 3.08
CA ASP A 142 -14.03 -9.12 1.97
C ASP A 142 -13.87 -8.32 0.72
N ALA A 143 -14.74 -7.34 0.49
CA ALA A 143 -14.52 -6.51 -0.67
C ALA A 143 -13.18 -5.82 -0.50
N SER A 144 -12.92 -5.37 0.71
CA SER A 144 -11.68 -4.63 0.99
C SER A 144 -10.45 -5.46 0.72
N VAL A 145 -10.36 -6.66 1.29
CA VAL A 145 -9.18 -7.46 1.00
C VAL A 145 -9.13 -7.91 -0.48
N MET A 146 -10.27 -8.05 -1.12
CA MET A 146 -10.24 -8.47 -2.54
C MET A 146 -9.76 -7.35 -3.45
N TYR A 147 -9.97 -6.12 -2.99
CA TYR A 147 -9.55 -4.93 -3.69
C TYR A 147 -8.05 -4.66 -3.58
N ARG A 148 -7.49 -4.89 -2.37
CA ARG A 148 -6.07 -4.71 -2.17
C ARG A 148 -5.36 -5.70 -3.07
N LYS A 149 -5.91 -6.94 -3.19
CA LYS A 149 -5.25 -7.93 -4.02
C LYS A 149 -5.34 -7.53 -5.48
N TRP A 150 -6.49 -7.01 -5.88
CA TRP A 150 -6.63 -6.52 -7.23
C TRP A 150 -5.61 -5.42 -7.57
N LYS A 151 -5.39 -4.46 -6.66
CA LYS A 151 -4.49 -3.34 -6.94
C LYS A 151 -3.05 -3.82 -6.92
N GLU A 152 -2.76 -4.70 -5.97
CA GLU A 152 -1.50 -5.38 -5.86
C GLU A 152 -1.05 -5.94 -7.21
N SER A 153 -1.97 -6.65 -7.88
CA SER A 153 -1.68 -7.28 -9.17
C SER A 153 -1.62 -6.28 -10.33
N LYS A 154 -1.74 -4.98 -10.03
CA LYS A 154 -1.82 -3.90 -11.04
C LYS A 154 -2.99 -4.22 -12.02
N GLY A 155 -4.10 -4.66 -11.42
CA GLY A 155 -5.28 -5.07 -12.15
C GLY A 155 -5.11 -6.32 -13.00
N LYS A 156 -4.04 -7.08 -12.81
CA LYS A 156 -3.86 -8.33 -13.56
C LYS A 156 -4.85 -9.39 -13.11
N ASP A 157 -5.27 -9.26 -11.85
CA ASP A 157 -6.19 -10.20 -11.22
C ASP A 157 -7.66 -9.71 -11.37
N ARG A 158 -8.52 -10.59 -11.89
CA ARG A 158 -9.84 -10.24 -12.40
C ARG A 158 -11.03 -10.45 -11.39
N GLU A 159 -10.76 -10.97 -10.18
CA GLU A 159 -11.83 -11.31 -9.29
C GLU A 159 -12.68 -10.10 -8.82
N TYR A 160 -12.06 -8.98 -8.47
CA TYR A 160 -12.80 -7.85 -7.99
C TYR A 160 -13.57 -7.24 -9.15
N THR A 161 -12.93 -7.04 -10.31
CA THR A 161 -13.64 -6.43 -11.42
C THR A 161 -14.73 -7.31 -12.10
N ASP A 162 -14.55 -8.62 -12.16
CA ASP A 162 -15.67 -9.58 -12.33
C ASP A 162 -16.94 -9.25 -11.47
N ILE A 163 -16.81 -9.11 -10.19
CA ILE A 163 -18.01 -8.78 -9.41
C ILE A 163 -18.65 -7.43 -9.84
N ILE A 164 -17.84 -6.39 -10.00
CA ILE A 164 -18.34 -5.07 -10.38
C ILE A 164 -19.04 -5.19 -11.75
N ARG A 165 -18.37 -5.89 -12.70
CA ARG A 165 -18.96 -6.06 -13.99
C ARG A 165 -20.30 -6.75 -13.87
N LYS A 166 -20.45 -7.76 -13.04
CA LYS A 166 -21.75 -8.39 -12.92
C LYS A 166 -22.83 -7.50 -12.38
N GLN A 167 -22.49 -6.67 -11.41
CA GLN A 167 -23.51 -5.79 -10.83
C GLN A 167 -23.90 -4.80 -11.86
N VAL A 168 -22.93 -4.26 -12.59
CA VAL A 168 -23.23 -3.29 -13.65
C VAL A 168 -24.23 -3.82 -14.65
N LEU A 169 -24.01 -5.04 -15.13
CA LEU A 169 -24.95 -5.65 -16.09
C LEU A 169 -26.31 -5.88 -15.42
N GLY A 170 -26.32 -6.31 -14.15
CA GLY A 170 -27.53 -6.46 -13.45
C GLY A 170 -28.33 -5.17 -13.53
N THR A 171 -27.68 -4.01 -13.32
CA THR A 171 -28.48 -2.79 -13.29
C THR A 171 -29.26 -2.49 -14.57
N LYS A 172 -28.93 -3.13 -15.67
CA LYS A 172 -29.68 -2.89 -16.92
C LYS A 172 -31.14 -3.33 -16.75
N VAL A 173 -31.39 -4.27 -15.84
CA VAL A 173 -32.76 -4.64 -15.50
C VAL A 173 -33.53 -3.50 -14.77
N ASP A 174 -32.88 -2.89 -13.78
CA ASP A 174 -33.39 -1.71 -13.08
C ASP A 174 -33.65 -0.56 -14.00
N ALA A 175 -32.68 -0.22 -14.86
CA ALA A 175 -32.86 0.79 -15.95
C ALA A 175 -34.10 0.52 -16.73
N GLU A 176 -34.31 -0.75 -17.12
CA GLU A 176 -35.47 -1.07 -17.95
C GLU A 176 -36.83 -0.97 -17.21
N ARG A 177 -36.86 -1.38 -15.93
CA ARG A 177 -38.06 -1.33 -15.09
C ARG A 177 -38.44 0.14 -14.87
N ASP A 178 -37.44 1.01 -14.72
CA ASP A 178 -37.67 2.40 -14.44
C ASP A 178 -37.85 3.31 -15.71
N GLY A 179 -37.70 2.74 -16.91
CA GLY A 179 -37.68 3.54 -18.13
C GLY A 179 -36.54 4.55 -18.30
N VAL A 180 -35.31 4.19 -17.92
CA VAL A 180 -34.07 4.95 -18.11
C VAL A 180 -33.25 4.11 -19.13
N LYS A 181 -32.61 4.65 -20.17
CA LYS A 181 -32.23 6.00 -20.44
C LYS A 181 -30.74 6.10 -20.15
N VAL A 182 -29.99 5.00 -20.35
CA VAL A 182 -28.55 4.99 -20.06
C VAL A 182 -27.76 5.56 -21.25
N SER B 5 16.18 -20.42 13.01
CA SER B 5 16.91 -19.78 11.87
C SER B 5 16.21 -18.53 11.27
N PRO B 6 14.92 -18.64 10.87
CA PRO B 6 14.22 -17.38 10.60
C PRO B 6 14.22 -16.53 11.87
N SER B 7 14.44 -15.24 11.69
CA SER B 7 14.43 -14.31 12.81
C SER B 7 13.04 -14.29 13.48
N SER B 8 11.98 -14.47 12.71
CA SER B 8 10.66 -14.56 13.30
C SER B 8 10.56 -15.63 14.41
N GLN B 9 11.33 -16.72 14.31
CA GLN B 9 11.23 -17.88 15.19
C GLN B 9 11.66 -17.41 16.55
N LYS B 10 12.83 -16.74 16.62
CA LYS B 10 13.39 -16.41 17.93
C LYS B 10 12.45 -15.37 18.54
N ALA B 11 11.98 -14.47 17.68
CA ALA B 11 11.13 -13.38 18.08
C ALA B 11 9.84 -13.87 18.73
N LEU B 12 9.13 -14.75 18.05
CA LEU B 12 7.93 -15.39 18.58
C LEU B 12 8.11 -16.25 19.85
N LEU B 13 9.20 -17.05 19.95
CA LEU B 13 9.39 -17.80 21.19
C LEU B 13 9.61 -16.85 22.39
N LEU B 14 10.42 -15.81 22.18
CA LEU B 14 10.52 -14.72 23.15
C LEU B 14 9.20 -14.14 23.62
N GLU B 15 8.35 -13.72 22.68
CA GLU B 15 7.04 -13.15 23.02
C GLU B 15 6.14 -14.12 23.68
N LEU B 16 6.25 -15.39 23.34
CA LEU B 16 5.35 -16.39 23.89
C LEU B 16 5.71 -16.59 25.34
N LYS B 17 7.03 -16.68 25.58
CA LYS B 17 7.52 -16.92 26.92
C LYS B 17 7.14 -15.76 27.86
N GLY B 18 7.44 -14.53 27.42
CA GLY B 18 7.18 -13.33 28.19
C GLY B 18 5.70 -13.16 28.47
N LEU B 19 4.87 -13.60 27.56
CA LEU B 19 3.45 -13.35 27.70
C LEU B 19 2.78 -14.48 28.56
N GLN B 20 3.45 -15.61 28.66
CA GLN B 20 2.98 -16.66 29.52
C GLN B 20 3.51 -16.46 30.94
N GLU B 21 4.74 -15.94 31.05
CA GLU B 21 5.34 -15.65 32.33
C GLU B 21 4.62 -14.46 32.97
N GLU B 22 4.31 -13.43 32.15
CA GLU B 22 3.66 -12.22 32.66
C GLU B 22 2.50 -11.83 31.79
N PRO B 23 1.38 -12.63 31.88
CA PRO B 23 0.19 -12.38 31.06
C PRO B 23 -0.41 -11.01 31.19
N VAL B 24 -0.97 -10.55 30.07
CA VAL B 24 -1.86 -9.37 30.01
C VAL B 24 -3.11 -9.87 30.75
N GLU B 25 -3.65 -9.10 31.70
CA GLU B 25 -4.88 -9.46 32.44
C GLU B 25 -6.09 -9.83 31.54
N GLY B 26 -6.62 -11.02 31.77
CA GLY B 26 -7.81 -11.50 31.09
C GLY B 26 -7.48 -12.31 29.82
N PHE B 27 -6.18 -12.45 29.54
CA PHE B 27 -5.66 -13.08 28.28
C PHE B 27 -4.69 -14.18 28.66
N ARG B 28 -4.88 -15.35 28.05
CA ARG B 28 -3.88 -16.46 28.12
C ARG B 28 -3.56 -16.88 26.66
N VAL B 29 -2.31 -17.20 26.38
CA VAL B 29 -1.83 -17.33 25.02
C VAL B 29 -1.14 -18.73 24.96
N THR B 30 -1.42 -19.50 23.89
CA THR B 30 -0.77 -20.81 23.65
C THR B 30 -0.66 -20.96 22.13
N LEU B 31 0.11 -21.95 21.68
CA LEU B 31 0.07 -22.36 20.30
C LEU B 31 -1.15 -23.22 20.10
N VAL B 32 -1.64 -23.26 18.87
CA VAL B 32 -2.65 -24.26 18.50
C VAL B 32 -2.11 -25.67 18.78
N ASP B 33 -3.01 -26.64 18.85
CA ASP B 33 -2.63 -28.02 19.24
C ASP B 33 -1.53 -28.68 18.39
N GLU B 34 -1.49 -28.39 17.09
CA GLU B 34 -0.46 -28.99 16.28
C GLU B 34 0.91 -28.37 16.57
N GLY B 35 0.99 -27.44 17.49
CA GLY B 35 2.29 -26.88 17.84
C GLY B 35 2.88 -25.92 16.84
N ASP B 36 2.05 -25.19 16.11
CA ASP B 36 2.57 -24.23 15.10
C ASP B 36 2.91 -22.88 15.78
N LEU B 37 4.19 -22.50 15.80
CA LEU B 37 4.59 -21.21 16.34
C LEU B 37 3.91 -20.03 15.67
N TYR B 38 3.44 -20.17 14.43
CA TYR B 38 2.86 -19.03 13.64
C TYR B 38 1.33 -18.87 13.83
N ASN B 39 0.79 -19.60 14.81
CA ASN B 39 -0.66 -19.74 15.00
C ASN B 39 -0.97 -19.89 16.51
N TRP B 40 -1.32 -18.79 17.18
CA TRP B 40 -1.56 -18.81 18.62
C TRP B 40 -3.03 -18.81 18.94
N GLU B 41 -3.36 -19.39 20.09
CA GLU B 41 -4.74 -19.47 20.57
C GLU B 41 -4.78 -18.41 21.67
N VAL B 42 -5.82 -17.58 21.66
CA VAL B 42 -5.97 -16.58 22.67
C VAL B 42 -7.28 -16.87 23.40
N ALA B 43 -7.14 -17.13 24.71
CA ALA B 43 -8.23 -17.25 25.58
C ALA B 43 -8.48 -15.89 26.31
N ILE B 44 -9.72 -15.39 26.25
CA ILE B 44 -10.05 -14.08 26.78
C ILE B 44 -11.13 -14.19 27.86
N PHE B 45 -10.84 -13.65 29.03
CA PHE B 45 -11.86 -13.73 30.05
C PHE B 45 -12.49 -12.39 30.33
N GLY B 46 -13.80 -12.37 30.18
CA GLY B 46 -14.55 -11.26 30.66
C GLY B 46 -14.39 -10.83 32.12
N PRO B 47 -14.12 -9.53 32.35
CA PRO B 47 -13.83 -9.01 33.71
C PRO B 47 -15.10 -8.90 34.52
N PRO B 48 -14.97 -9.04 35.87
CA PRO B 48 -16.04 -8.85 36.83
C PRO B 48 -16.65 -7.45 36.75
N ASN B 49 -17.91 -7.34 37.12
CA ASN B 49 -18.61 -6.05 37.12
C ASN B 49 -18.68 -5.37 35.73
N THR B 50 -18.71 -6.18 34.68
CA THR B 50 -19.03 -5.70 33.34
C THR B 50 -20.06 -6.69 32.78
N TYR B 51 -20.77 -6.33 31.70
CA TYR B 51 -21.67 -7.36 31.12
C TYR B 51 -21.00 -8.61 30.56
N TYR B 52 -19.66 -8.59 30.43
CA TYR B 52 -18.88 -9.77 29.98
C TYR B 52 -18.46 -10.70 31.11
N GLU B 53 -18.83 -10.41 32.36
CA GLU B 53 -18.32 -11.20 33.50
C GLU B 53 -18.70 -12.62 33.36
N GLY B 54 -17.71 -13.47 33.57
CA GLY B 54 -17.92 -14.89 33.46
C GLY B 54 -17.76 -15.41 32.04
N GLY B 55 -17.56 -14.54 31.05
CA GLY B 55 -17.42 -15.01 29.70
C GLY B 55 -16.06 -15.61 29.41
N TYR B 56 -16.05 -16.49 28.43
CA TYR B 56 -14.84 -17.20 27.97
C TYR B 56 -14.80 -17.08 26.43
N PHE B 57 -13.92 -16.26 25.89
CA PHE B 57 -13.94 -16.01 24.45
C PHE B 57 -12.64 -16.45 23.86
N LYS B 58 -12.69 -16.81 22.59
CA LYS B 58 -11.54 -17.39 21.96
C LYS B 58 -11.21 -16.63 20.72
N ALA B 59 -9.90 -16.52 20.48
CA ALA B 59 -9.37 -15.78 19.36
C ALA B 59 -8.11 -16.48 18.83
N ARG B 60 -7.68 -16.07 17.64
CA ARG B 60 -6.45 -16.56 17.09
C ARG B 60 -5.65 -15.40 16.53
N LEU B 61 -4.31 -15.48 16.76
CA LEU B 61 -3.31 -14.71 16.12
C LEU B 61 -2.63 -15.61 15.08
N LYS B 62 -2.63 -15.20 13.81
CA LYS B 62 -1.88 -15.85 12.76
C LYS B 62 -0.70 -14.92 12.41
N PHE B 63 0.53 -15.43 12.47
CA PHE B 63 1.74 -14.60 12.19
C PHE B 63 2.38 -14.96 10.83
N PRO B 64 2.84 -13.94 10.05
CA PRO B 64 3.55 -14.23 8.83
C PRO B 64 5.02 -14.66 9.07
N ILE B 65 5.64 -15.29 8.07
CA ILE B 65 6.98 -15.83 8.25
C ILE B 65 8.00 -14.73 8.51
N ASP B 66 7.67 -13.50 8.11
CA ASP B 66 8.55 -12.37 8.31
C ASP B 66 8.25 -11.46 9.51
N TYR B 67 7.40 -11.90 10.44
CA TYR B 67 7.17 -11.16 11.68
C TYR B 67 8.52 -10.77 12.37
N PRO B 68 8.69 -9.55 12.91
CA PRO B 68 7.76 -8.45 13.14
C PRO B 68 7.78 -7.38 12.08
N TYR B 69 8.30 -7.70 10.89
CA TYR B 69 8.34 -6.69 9.82
C TYR B 69 6.99 -6.50 9.18
N SER B 70 6.15 -7.54 9.24
CA SER B 70 4.72 -7.47 8.88
C SER B 70 3.83 -7.80 10.07
N PRO B 71 2.62 -7.26 10.09
CA PRO B 71 1.80 -7.53 11.24
C PRO B 71 1.09 -8.90 11.21
N PRO B 72 0.70 -9.40 12.39
CA PRO B 72 -0.10 -10.58 12.44
C PRO B 72 -1.54 -10.22 12.19
N ALA B 73 -2.36 -11.24 12.00
CA ALA B 73 -3.80 -11.10 11.82
C ALA B 73 -4.44 -11.52 13.15
N PHE B 74 -5.40 -10.75 13.68
CA PHE B 74 -6.13 -11.12 14.93
C PHE B 74 -7.60 -11.41 14.62
N ARG B 75 -8.11 -12.58 14.96
CA ARG B 75 -9.53 -12.87 14.66
C ARG B 75 -10.26 -13.56 15.79
N PHE B 76 -11.44 -13.06 16.23
CA PHE B 76 -12.25 -13.81 17.22
C PHE B 76 -12.84 -15.10 16.60
N LEU B 77 -12.88 -16.21 17.35
CA LEU B 77 -13.53 -17.49 16.93
C LEU B 77 -14.96 -17.54 17.46
N THR B 78 -15.11 -17.21 18.73
CA THR B 78 -16.43 -16.94 19.30
C THR B 78 -17.15 -15.79 18.53
N LYS B 79 -18.45 -15.93 18.28
CA LYS B 79 -19.19 -14.82 17.63
C LYS B 79 -19.25 -13.71 18.68
N MET B 80 -18.93 -12.48 18.26
CA MET B 80 -19.00 -11.41 19.20
C MET B 80 -19.89 -10.33 18.64
N TRP B 81 -20.86 -9.83 19.41
CA TRP B 81 -21.68 -8.70 18.85
C TRP B 81 -21.14 -7.38 19.39
N HIS B 82 -20.65 -6.50 18.54
CA HIS B 82 -19.86 -5.36 19.01
C HIS B 82 -19.68 -4.38 17.87
N PRO B 83 -19.71 -3.04 18.16
CA PRO B 83 -19.56 -2.11 17.03
C PRO B 83 -18.26 -2.28 16.24
N ASN B 84 -17.19 -2.77 16.87
CA ASN B 84 -15.88 -2.82 16.17
C ASN B 84 -15.35 -4.18 15.87
N ILE B 85 -16.24 -5.17 15.94
CA ILE B 85 -15.89 -6.55 15.48
C ILE B 85 -16.78 -6.95 14.32
N TYR B 86 -16.18 -7.42 13.24
CA TYR B 86 -16.92 -7.78 12.03
C TYR B 86 -17.62 -9.07 12.29
N GLU B 87 -18.66 -9.39 11.55
CA GLU B 87 -19.38 -10.62 11.83
C GLU B 87 -18.46 -11.82 11.62
N THR B 88 -17.45 -11.67 10.77
CA THR B 88 -16.43 -12.71 10.55
C THR B 88 -15.52 -12.97 11.77
N GLY B 89 -15.55 -12.09 12.78
CA GLY B 89 -14.57 -12.20 13.84
C GLY B 89 -13.36 -11.30 13.69
N ASP B 90 -13.08 -10.76 12.49
CA ASP B 90 -12.02 -9.75 12.31
C ASP B 90 -12.27 -8.47 13.09
N VAL B 91 -11.24 -7.63 13.24
CA VAL B 91 -11.27 -6.42 14.06
C VAL B 91 -10.66 -5.20 13.34
N CYS B 92 -11.15 -4.00 13.64
CA CYS B 92 -10.48 -2.73 13.14
C CYS B 92 -9.39 -2.22 14.13
N ILE B 93 -8.20 -2.80 14.09
CA ILE B 93 -7.10 -2.41 14.96
C ILE B 93 -6.07 -1.79 14.00
N SER B 94 -5.97 -0.45 13.99
CA SER B 94 -5.08 0.29 13.09
C SER B 94 -3.61 -0.18 13.15
N ILE B 95 -3.20 -0.51 14.35
CA ILE B 95 -1.95 -1.19 14.67
C ILE B 95 -1.63 -2.46 13.81
N LEU B 96 -2.64 -3.05 13.17
CA LEU B 96 -2.50 -4.29 12.39
C LEU B 96 -2.45 -4.03 10.86
N GLU B 111 -0.36 5.98 12.48
CA GLU B 111 -0.55 4.99 13.54
C GLU B 111 -0.72 3.54 13.04
N ARG B 112 0.17 3.12 12.13
CA ARG B 112 0.21 1.76 11.52
C ARG B 112 1.18 0.80 12.25
N TRP B 113 1.27 -0.43 11.74
CA TRP B 113 2.22 -1.39 12.28
C TRP B 113 3.62 -0.89 11.99
N ASN B 114 4.52 -1.13 12.95
CA ASN B 114 5.97 -1.07 12.73
C ASN B 114 6.71 -2.17 13.53
N PRO B 115 7.98 -2.46 13.17
CA PRO B 115 8.65 -3.61 13.80
C PRO B 115 8.91 -3.52 15.30
N THR B 116 8.66 -2.37 15.91
CA THR B 116 8.86 -2.24 17.38
C THR B 116 7.63 -2.70 18.21
N GLN B 117 6.51 -2.84 17.53
CA GLN B 117 5.29 -3.30 18.09
C GLN B 117 5.33 -4.79 18.49
N ASN B 118 4.37 -5.22 19.31
CA ASN B 118 4.40 -6.59 19.76
C ASN B 118 3.03 -7.09 20.10
N VAL B 119 3.02 -8.35 20.49
CA VAL B 119 1.76 -9.00 20.72
C VAL B 119 1.13 -8.35 21.97
N ARG B 120 1.98 -7.98 22.92
CA ARG B 120 1.49 -7.39 24.13
C ARG B 120 0.64 -6.20 23.75
N THR B 121 1.21 -5.34 22.91
CA THR B 121 0.54 -4.14 22.47
C THR B 121 -0.69 -4.38 21.59
N ILE B 122 -0.70 -5.45 20.78
CA ILE B 122 -1.95 -5.88 20.09
C ILE B 122 -3.02 -6.23 21.06
N LEU B 123 -2.63 -6.91 22.12
CA LEU B 123 -3.64 -7.41 23.06
C LEU B 123 -4.21 -6.25 23.90
N LEU B 124 -3.37 -5.32 24.29
CA LEU B 124 -3.86 -4.08 24.94
C LEU B 124 -4.78 -3.28 23.99
N SER B 125 -4.49 -3.25 22.69
CA SER B 125 -5.35 -2.51 21.76
C SER B 125 -6.77 -3.15 21.67
N VAL B 126 -6.77 -4.49 21.65
CA VAL B 126 -8.01 -5.30 21.66
C VAL B 126 -8.83 -5.02 22.93
N ILE B 127 -8.16 -4.99 24.09
CA ILE B 127 -8.84 -4.57 25.30
C ILE B 127 -9.48 -3.13 25.15
N SER B 128 -8.69 -2.19 24.62
CA SER B 128 -9.18 -0.85 24.44
C SER B 128 -10.34 -0.81 23.45
N LEU B 129 -10.23 -1.58 22.35
CA LEU B 129 -11.36 -1.66 21.40
C LEU B 129 -12.64 -2.15 22.15
N LEU B 130 -12.50 -3.25 22.88
CA LEU B 130 -13.62 -3.81 23.63
C LEU B 130 -14.19 -2.83 24.63
N ASN B 131 -13.32 -2.17 25.39
CA ASN B 131 -13.63 -1.25 26.52
C ASN B 131 -14.48 -0.09 26.09
N GLU B 132 -14.21 0.41 24.88
CA GLU B 132 -14.66 1.67 24.38
C GLU B 132 -14.97 1.57 22.90
N PRO B 133 -16.18 1.14 22.55
CA PRO B 133 -16.61 1.19 21.19
C PRO B 133 -16.55 2.59 20.54
N ASN B 134 -16.22 2.58 19.25
CA ASN B 134 -16.26 3.73 18.43
C ASN B 134 -17.36 3.56 17.39
N THR B 135 -18.39 4.39 17.46
CA THR B 135 -19.52 4.25 16.55
C THR B 135 -19.40 5.07 15.23
N PHE B 136 -18.21 5.61 14.94
CA PHE B 136 -18.00 6.41 13.70
C PHE B 136 -17.66 5.54 12.52
N SER B 137 -16.66 4.70 12.61
CA SER B 137 -16.48 3.81 11.46
C SER B 137 -16.64 2.32 11.85
N PRO B 138 -17.87 1.92 12.17
CA PRO B 138 -18.17 0.57 12.68
C PRO B 138 -17.95 -0.63 11.72
N ALA B 139 -17.40 -1.70 12.27
CA ALA B 139 -17.41 -3.02 11.63
C ALA B 139 -18.81 -3.62 11.60
N ASN B 140 -19.65 -3.28 12.55
CA ASN B 140 -20.98 -3.87 12.52
C ASN B 140 -21.98 -2.72 12.78
N VAL B 141 -22.65 -2.27 11.72
CA VAL B 141 -23.60 -1.17 11.77
C VAL B 141 -24.71 -1.38 12.77
N ASP B 142 -25.32 -2.55 12.73
CA ASP B 142 -26.40 -2.85 13.69
C ASP B 142 -25.97 -2.80 15.16
N ALA B 143 -24.80 -3.36 15.47
CA ALA B 143 -24.31 -3.34 16.84
C ALA B 143 -24.09 -1.89 17.23
N SER B 144 -23.52 -1.14 16.31
CA SER B 144 -23.27 0.28 16.49
C SER B 144 -24.53 1.10 16.84
N VAL B 145 -25.60 0.92 16.08
CA VAL B 145 -26.89 1.52 16.41
C VAL B 145 -27.48 1.12 17.77
N MET B 146 -27.51 -0.17 18.08
CA MET B 146 -27.98 -0.58 19.41
C MET B 146 -27.03 -0.03 20.49
N TYR B 147 -25.71 -0.06 20.27
CA TYR B 147 -24.82 0.59 21.25
C TYR B 147 -25.10 2.09 21.55
N ARG B 148 -25.24 2.89 20.49
CA ARG B 148 -25.62 4.30 20.65
C ARG B 148 -26.93 4.49 21.44
N LYS B 149 -27.96 3.67 21.22
CA LYS B 149 -29.15 3.74 22.07
C LYS B 149 -28.85 3.43 23.54
N TRP B 150 -27.98 2.46 23.80
CA TRP B 150 -27.66 2.12 25.17
C TRP B 150 -26.98 3.31 25.87
N LYS B 151 -26.21 4.08 25.11
CA LYS B 151 -25.58 5.28 25.67
C LYS B 151 -26.57 6.40 25.93
N GLU B 152 -27.46 6.61 24.97
CA GLU B 152 -28.30 7.80 24.95
C GLU B 152 -29.39 7.66 25.97
N SER B 153 -29.94 6.46 26.06
CA SER B 153 -30.88 6.09 27.11
C SER B 153 -30.14 5.82 28.41
N LYS B 154 -28.86 6.15 28.45
CA LYS B 154 -28.05 6.13 29.68
C LYS B 154 -28.17 4.82 30.46
N GLY B 155 -28.09 3.70 29.73
CA GLY B 155 -28.10 2.38 30.36
C GLY B 155 -29.48 1.77 30.53
N LYS B 156 -30.54 2.51 30.22
CA LYS B 156 -31.88 1.95 30.39
C LYS B 156 -32.27 0.97 29.30
N ASP B 157 -32.12 1.35 28.03
CA ASP B 157 -32.45 0.43 26.93
C ASP B 157 -31.70 -0.92 27.09
N ARG B 158 -32.36 -1.99 26.69
CA ARG B 158 -32.00 -3.32 27.13
C ARG B 158 -31.29 -4.18 26.02
N GLU B 159 -31.44 -3.76 24.76
CA GLU B 159 -31.28 -4.61 23.60
C GLU B 159 -29.85 -5.12 23.34
N TYR B 160 -28.90 -4.22 23.48
CA TYR B 160 -27.49 -4.46 23.28
C TYR B 160 -27.02 -5.35 24.40
N THR B 161 -27.29 -4.94 25.64
CA THR B 161 -26.74 -5.71 26.77
C THR B 161 -27.39 -7.09 26.84
N ASP B 162 -28.62 -7.25 26.35
CA ASP B 162 -29.27 -8.57 26.35
C ASP B 162 -28.40 -9.50 25.48
N ILE B 163 -27.95 -8.99 24.33
CA ILE B 163 -27.19 -9.79 23.43
C ILE B 163 -25.86 -10.13 24.01
N ILE B 164 -25.20 -9.16 24.62
CA ILE B 164 -23.94 -9.49 25.25
C ILE B 164 -24.16 -10.59 26.30
N ARG B 165 -25.21 -10.51 27.09
CA ARG B 165 -25.38 -11.46 28.16
C ARG B 165 -25.65 -12.84 27.64
N LYS B 166 -26.42 -12.93 26.56
CA LYS B 166 -26.71 -14.22 25.95
C LYS B 166 -25.41 -14.85 25.47
N GLN B 167 -24.48 -14.02 24.96
CA GLN B 167 -23.26 -14.59 24.32
C GLN B 167 -22.35 -15.09 25.40
N VAL B 168 -22.26 -14.32 26.48
CA VAL B 168 -21.48 -14.70 27.67
C VAL B 168 -22.00 -16.04 28.19
N LEU B 169 -23.29 -16.12 28.36
CA LEU B 169 -23.92 -17.32 28.87
C LEU B 169 -23.63 -18.52 28.01
N GLY B 170 -23.71 -18.41 26.69
CA GLY B 170 -23.32 -19.51 25.83
C GLY B 170 -21.85 -20.00 25.91
N THR B 171 -20.93 -19.15 26.36
CA THR B 171 -19.50 -19.51 26.40
C THR B 171 -19.28 -20.53 27.49
N LYS B 172 -20.25 -20.70 28.39
CA LYS B 172 -20.15 -21.75 29.37
C LYS B 172 -20.00 -23.12 28.74
N VAL B 173 -20.66 -23.35 27.61
CA VAL B 173 -20.58 -24.60 26.91
C VAL B 173 -19.18 -24.76 26.32
N ASP B 174 -18.63 -23.67 25.77
CA ASP B 174 -17.23 -23.67 25.28
C ASP B 174 -16.22 -23.93 26.37
N ALA B 175 -16.40 -23.34 27.54
CA ALA B 175 -15.49 -23.54 28.65
C ALA B 175 -15.48 -25.05 29.03
N GLU B 176 -16.70 -25.65 29.05
CA GLU B 176 -16.83 -27.08 29.26
C GLU B 176 -16.19 -27.90 28.18
N ARG B 177 -16.36 -27.56 26.91
CA ARG B 177 -15.76 -28.33 25.87
C ARG B 177 -14.22 -28.28 26.00
N ASP B 178 -13.66 -27.16 26.51
CA ASP B 178 -12.20 -26.90 26.38
C ASP B 178 -11.51 -27.24 27.69
N GLY B 179 -12.28 -27.47 28.72
CA GLY B 179 -11.72 -27.82 30.01
C GLY B 179 -11.20 -26.61 30.75
N VAL B 180 -11.80 -25.44 30.55
CA VAL B 180 -11.37 -24.32 31.35
C VAL B 180 -12.42 -23.94 32.35
N LYS B 181 -11.95 -23.68 33.56
CA LYS B 181 -12.80 -23.12 34.59
C LYS B 181 -12.48 -21.63 34.75
N VAL B 182 -13.50 -20.77 34.80
CA VAL B 182 -13.38 -19.36 35.27
C VAL B 182 -12.00 -18.69 35.22
N SER C 8 -18.51 -7.43 -24.28
CA SER C 8 -17.06 -7.64 -24.58
C SER C 8 -16.20 -6.41 -24.36
N GLN C 9 -16.86 -5.25 -24.35
CA GLN C 9 -16.22 -3.96 -24.14
C GLN C 9 -15.38 -3.88 -22.86
N LYS C 10 -15.86 -4.43 -21.74
CA LYS C 10 -15.10 -4.40 -20.50
C LYS C 10 -13.84 -5.27 -20.51
N ALA C 11 -13.82 -6.32 -21.33
CA ALA C 11 -12.63 -7.12 -21.49
C ALA C 11 -11.56 -6.34 -22.20
N LEU C 12 -11.94 -5.52 -23.20
CA LEU C 12 -10.93 -4.69 -23.86
C LEU C 12 -10.36 -3.70 -22.91
N LEU C 13 -11.20 -3.14 -22.05
CA LEU C 13 -10.78 -2.05 -21.13
C LEU C 13 -9.73 -2.60 -20.12
N LEU C 14 -10.00 -3.78 -19.59
CA LEU C 14 -9.10 -4.50 -18.71
C LEU C 14 -7.75 -4.66 -19.40
N GLU C 15 -7.75 -5.13 -20.64
CA GLU C 15 -6.46 -5.25 -21.40
C GLU C 15 -5.86 -3.93 -21.70
N LEU C 16 -6.67 -2.93 -21.98
CA LEU C 16 -6.09 -1.65 -22.23
C LEU C 16 -5.40 -1.10 -21.01
N LYS C 17 -6.09 -1.12 -19.88
CA LYS C 17 -5.50 -0.53 -18.69
C LYS C 17 -4.28 -1.31 -18.21
N GLY C 18 -4.32 -2.65 -18.35
CA GLY C 18 -3.19 -3.52 -17.96
C GLY C 18 -1.90 -3.13 -18.71
N LEU C 19 -2.05 -2.74 -19.97
CA LEU C 19 -0.90 -2.34 -20.74
C LEU C 19 -0.53 -0.86 -20.63
N GLN C 20 -1.40 -0.05 -20.03
CA GLN C 20 -1.03 1.33 -19.71
C GLN C 20 -0.35 1.38 -18.34
N GLU C 21 -0.67 0.46 -17.44
CA GLU C 21 -0.07 0.41 -16.07
C GLU C 21 1.28 -0.32 -16.14
N GLU C 22 1.31 -1.47 -16.83
CA GLU C 22 2.58 -2.17 -17.12
C GLU C 22 2.79 -2.34 -18.64
N PRO C 23 3.49 -1.40 -19.28
CA PRO C 23 3.66 -1.52 -20.73
C PRO C 23 4.59 -2.66 -21.19
N VAL C 24 4.38 -3.12 -22.42
CA VAL C 24 5.36 -3.98 -23.03
C VAL C 24 6.51 -3.06 -23.38
N GLU C 25 7.73 -3.45 -23.01
CA GLU C 25 8.95 -2.63 -23.27
C GLU C 25 9.12 -2.26 -24.75
N GLY C 26 9.03 -0.94 -25.00
CA GLY C 26 9.12 -0.32 -26.29
C GLY C 26 7.78 -0.06 -26.98
N PHE C 27 6.68 -0.56 -26.39
CA PHE C 27 5.35 -0.42 -26.96
C PHE C 27 4.50 0.54 -26.15
N ARG C 28 3.65 1.27 -26.83
CA ARG C 28 2.78 2.20 -26.18
C ARG C 28 1.44 2.10 -26.88
N VAL C 29 0.45 1.74 -26.10
CA VAL C 29 -0.85 1.50 -26.66
C VAL C 29 -1.80 2.63 -26.23
N THR C 30 -2.56 3.14 -27.20
CA THR C 30 -3.64 4.11 -26.96
C THR C 30 -4.84 3.82 -27.86
N LEU C 31 -5.95 4.49 -27.58
CA LEU C 31 -7.17 4.33 -28.35
C LEU C 31 -7.06 5.26 -29.51
N VAL C 32 -7.50 4.81 -30.70
CA VAL C 32 -7.62 5.70 -31.86
C VAL C 32 -8.60 6.84 -31.51
N ASP C 33 -9.74 6.48 -30.89
CA ASP C 33 -10.83 7.38 -30.58
C ASP C 33 -11.37 6.99 -29.24
N GLU C 34 -11.46 7.95 -28.32
CA GLU C 34 -11.76 7.60 -26.92
C GLU C 34 -13.13 6.94 -26.73
N GLY C 35 -14.05 7.16 -27.67
CA GLY C 35 -15.35 6.47 -27.61
C GLY C 35 -15.35 4.99 -28.00
N ASP C 36 -14.24 4.54 -28.60
CA ASP C 36 -14.16 3.28 -29.32
C ASP C 36 -13.05 2.34 -28.77
N LEU C 37 -13.44 1.30 -28.05
CA LEU C 37 -12.44 0.38 -27.51
C LEU C 37 -11.86 -0.66 -28.53
N TYR C 38 -12.33 -0.61 -29.76
CA TYR C 38 -12.07 -1.67 -30.72
C TYR C 38 -10.97 -1.43 -31.74
N ASN C 39 -10.34 -0.25 -31.73
CA ASN C 39 -9.24 0.09 -32.61
C ASN C 39 -8.16 0.79 -31.83
N TRP C 40 -6.99 0.16 -31.69
CA TRP C 40 -5.94 0.74 -30.86
C TRP C 40 -4.76 1.15 -31.70
N GLU C 41 -4.07 2.23 -31.32
CA GLU C 41 -2.84 2.64 -32.02
C GLU C 41 -1.66 2.11 -31.22
N VAL C 42 -0.71 1.47 -31.87
CA VAL C 42 0.46 1.01 -31.17
C VAL C 42 1.62 1.79 -31.69
N ALA C 43 2.28 2.56 -30.84
CA ALA C 43 3.55 3.21 -31.17
C ALA C 43 4.72 2.34 -30.72
N ILE C 44 5.71 2.19 -31.59
CA ILE C 44 6.76 1.20 -31.38
C ILE C 44 8.12 1.85 -31.67
N PHE C 45 8.95 1.89 -30.65
CA PHE C 45 10.28 2.56 -30.69
C PHE C 45 11.41 1.56 -30.81
N GLY C 46 12.16 1.59 -31.90
CA GLY C 46 13.36 0.78 -32.02
C GLY C 46 14.37 1.06 -30.90
N PRO C 47 14.92 0.02 -30.30
CA PRO C 47 15.86 0.04 -29.22
C PRO C 47 17.32 0.22 -29.66
N PRO C 48 18.16 0.83 -28.80
CA PRO C 48 19.56 1.20 -29.11
C PRO C 48 20.41 -0.04 -29.25
N ASN C 49 21.46 0.10 -30.07
CA ASN C 49 22.37 -1.02 -30.31
C ASN C 49 21.70 -2.09 -31.18
N THR C 50 20.76 -1.67 -32.03
CA THR C 50 20.12 -2.52 -33.06
C THR C 50 19.98 -1.64 -34.30
N TYR C 51 19.62 -2.21 -35.41
CA TYR C 51 19.45 -1.38 -36.64
C TYR C 51 18.15 -0.56 -36.60
N TYR C 52 17.30 -0.87 -35.63
CA TYR C 52 16.05 -0.17 -35.47
C TYR C 52 16.22 1.08 -34.59
N GLU C 53 17.44 1.29 -34.05
CA GLU C 53 17.76 2.40 -33.10
C GLU C 53 17.22 3.72 -33.58
N GLY C 54 16.46 4.41 -32.74
CA GLY C 54 15.88 5.70 -33.13
C GLY C 54 14.65 5.63 -34.01
N GLY C 55 14.22 4.40 -34.32
CA GLY C 55 13.05 4.20 -35.14
C GLY C 55 11.79 4.61 -34.40
N TYR C 56 10.79 5.06 -35.17
CA TYR C 56 9.46 5.30 -34.64
C TYR C 56 8.40 4.68 -35.56
N PHE C 57 7.89 3.52 -35.16
CA PHE C 57 7.06 2.67 -36.04
C PHE C 57 5.61 2.60 -35.58
N LYS C 58 4.68 2.71 -36.50
CA LYS C 58 3.27 2.76 -36.08
C LYS C 58 2.52 1.57 -36.51
N ALA C 59 1.63 1.09 -35.65
CA ALA C 59 0.77 -0.06 -36.02
C ALA C 59 -0.57 0.09 -35.36
N ARG C 60 -1.48 -0.82 -35.78
CA ARG C 60 -2.84 -0.87 -35.28
C ARG C 60 -3.25 -2.27 -34.87
N LEU C 61 -4.07 -2.28 -33.83
CA LEU C 61 -4.82 -3.48 -33.44
C LEU C 61 -6.28 -3.23 -33.71
N LYS C 62 -6.94 -4.18 -34.34
CA LYS C 62 -8.38 -4.07 -34.50
C LYS C 62 -9.11 -5.30 -33.91
N PHE C 63 -10.15 -5.05 -33.10
CA PHE C 63 -10.80 -6.10 -32.37
C PHE C 63 -12.20 -6.37 -32.92
N PRO C 64 -12.53 -7.63 -33.14
CA PRO C 64 -13.88 -8.04 -33.60
C PRO C 64 -15.00 -7.72 -32.60
N ILE C 65 -16.25 -7.60 -33.06
CA ILE C 65 -17.45 -7.43 -32.17
C ILE C 65 -17.55 -8.46 -31.02
N ASP C 66 -17.00 -9.65 -31.24
CA ASP C 66 -17.23 -10.74 -30.32
C ASP C 66 -15.95 -11.08 -29.51
N TYR C 67 -15.01 -10.15 -29.45
CA TYR C 67 -13.77 -10.39 -28.74
C TYR C 67 -14.10 -10.65 -27.25
N PRO C 68 -13.36 -11.54 -26.55
CA PRO C 68 -12.16 -12.31 -26.87
C PRO C 68 -12.40 -13.67 -27.56
N TYR C 69 -13.62 -13.91 -28.01
CA TYR C 69 -13.93 -15.22 -28.63
C TYR C 69 -13.46 -15.35 -30.08
N SER C 70 -12.99 -14.24 -30.66
CA SER C 70 -12.35 -14.21 -32.00
C SER C 70 -11.13 -13.29 -31.86
N PRO C 71 -10.15 -13.50 -32.73
CA PRO C 71 -8.90 -12.84 -32.48
C PRO C 71 -8.80 -11.40 -33.07
N PRO C 72 -8.01 -10.54 -32.45
CA PRO C 72 -7.77 -9.24 -33.04
C PRO C 72 -6.86 -9.33 -34.25
N ALA C 73 -6.71 -8.24 -35.00
CA ALA C 73 -5.87 -8.20 -36.16
C ALA C 73 -4.84 -7.10 -35.86
N PHE C 74 -3.57 -7.42 -36.13
CA PHE C 74 -2.45 -6.56 -35.89
C PHE C 74 -1.86 -6.23 -37.25
N ARG C 75 -1.57 -4.93 -37.51
CA ARG C 75 -1.08 -4.47 -38.80
C ARG C 75 -0.17 -3.26 -38.60
N PHE C 76 0.97 -3.24 -39.30
CA PHE C 76 1.84 -2.07 -39.35
C PHE C 76 1.29 -1.03 -40.33
N LEU C 77 1.21 0.23 -39.87
CA LEU C 77 1.05 1.38 -40.74
C LEU C 77 2.37 1.78 -41.43
N THR C 78 3.47 1.75 -40.69
CA THR C 78 4.77 2.08 -41.31
C THR C 78 5.08 0.93 -42.24
N LYS C 79 5.68 1.19 -43.42
CA LYS C 79 6.10 0.11 -44.33
C LYS C 79 7.27 -0.56 -43.65
N MET C 80 7.29 -1.88 -43.53
CA MET C 80 8.44 -2.44 -42.74
C MET C 80 9.04 -3.46 -43.65
N TRP C 81 10.33 -3.82 -43.50
CA TRP C 81 10.90 -4.78 -44.50
C TRP C 81 11.44 -5.88 -43.68
N HIS C 82 10.73 -7.00 -43.61
CA HIS C 82 11.02 -8.05 -42.65
C HIS C 82 10.48 -9.33 -43.28
N PRO C 83 11.16 -10.47 -43.06
CA PRO C 83 10.69 -11.73 -43.64
C PRO C 83 9.31 -12.15 -43.22
N ASN C 84 8.83 -11.59 -42.10
CA ASN C 84 7.58 -12.02 -41.48
C ASN C 84 6.51 -10.93 -41.46
N ILE C 85 6.65 -9.93 -42.32
CA ILE C 85 5.65 -8.87 -42.38
C ILE C 85 5.28 -8.72 -43.85
N TYR C 86 3.98 -8.80 -44.14
CA TYR C 86 3.53 -8.64 -45.52
C TYR C 86 3.65 -7.19 -45.89
N GLU C 87 3.77 -6.94 -47.20
CA GLU C 87 3.92 -5.59 -47.66
C GLU C 87 2.65 -4.78 -47.44
N THR C 88 1.47 -5.41 -47.39
CA THR C 88 0.37 -4.65 -46.86
C THR C 88 0.66 -4.18 -45.38
N GLY C 89 1.67 -4.74 -44.68
CA GLY C 89 1.85 -4.47 -43.25
C GLY C 89 1.25 -5.46 -42.23
N ASP C 90 0.52 -6.45 -42.73
CA ASP C 90 -0.04 -7.51 -41.89
C ASP C 90 1.03 -8.45 -41.38
N VAL C 91 0.72 -9.11 -40.25
CA VAL C 91 1.65 -10.13 -39.73
C VAL C 91 1.27 -11.62 -39.95
N CYS C 92 0.10 -12.01 -39.42
CA CYS C 92 -0.40 -13.38 -39.18
C CYS C 92 -0.41 -13.83 -37.67
N ILE C 93 0.78 -14.21 -37.16
CA ILE C 93 0.96 -15.11 -35.94
C ILE C 93 -0.09 -16.24 -35.73
N ARG C 112 -4.82 -22.86 -23.65
CA ARG C 112 -4.73 -21.79 -24.62
C ARG C 112 -5.67 -20.60 -24.31
N TRP C 113 -6.48 -20.73 -23.26
CA TRP C 113 -7.43 -19.65 -22.97
C TRP C 113 -6.99 -18.68 -21.84
N ASN C 114 -6.68 -17.45 -22.23
CA ASN C 114 -5.95 -16.48 -21.37
C ASN C 114 -6.33 -15.01 -21.61
N PRO C 115 -7.64 -14.68 -21.61
CA PRO C 115 -8.17 -13.41 -22.18
C PRO C 115 -7.54 -12.15 -21.64
N THR C 116 -7.19 -12.13 -20.36
CA THR C 116 -6.56 -10.96 -19.71
C THR C 116 -5.12 -10.71 -20.22
N GLN C 117 -4.66 -11.57 -21.13
CA GLN C 117 -3.29 -11.55 -21.58
C GLN C 117 -3.12 -11.74 -23.06
N ASN C 118 -4.22 -11.81 -23.80
CA ASN C 118 -4.08 -11.88 -25.25
C ASN C 118 -3.21 -10.77 -25.80
N VAL C 119 -3.57 -9.52 -25.50
CA VAL C 119 -2.83 -8.43 -26.14
C VAL C 119 -1.36 -8.45 -25.78
N ARG C 120 -1.07 -8.48 -24.49
CA ARG C 120 0.32 -8.61 -24.08
C ARG C 120 1.04 -9.76 -24.82
N THR C 121 0.47 -10.94 -24.89
CA THR C 121 1.17 -12.00 -25.65
C THR C 121 1.30 -11.79 -27.15
N ILE C 122 0.34 -11.08 -27.76
CA ILE C 122 0.50 -10.58 -29.14
C ILE C 122 1.60 -9.55 -29.34
N LEU C 123 1.57 -8.44 -28.61
CA LEU C 123 2.77 -7.57 -28.52
C LEU C 123 4.08 -8.38 -28.29
N LEU C 124 4.13 -9.23 -27.25
CA LEU C 124 5.35 -10.00 -27.04
C LEU C 124 5.83 -10.78 -28.27
N SER C 125 4.94 -11.38 -29.05
CA SER C 125 5.48 -12.18 -30.12
C SER C 125 5.88 -11.38 -31.33
N VAL C 126 5.31 -10.18 -31.49
CA VAL C 126 5.79 -9.27 -32.51
C VAL C 126 7.22 -8.82 -32.14
N ILE C 127 7.45 -8.47 -30.87
CA ILE C 127 8.85 -8.30 -30.46
C ILE C 127 9.77 -9.53 -30.78
N SER C 128 9.24 -10.74 -30.71
CA SER C 128 10.02 -11.96 -30.96
C SER C 128 10.37 -12.10 -32.45
N LEU C 129 9.38 -11.87 -33.30
CA LEU C 129 9.66 -11.87 -34.72
C LEU C 129 10.63 -10.77 -35.18
N LEU C 130 10.52 -9.58 -34.61
CA LEU C 130 11.39 -8.49 -34.94
C LEU C 130 12.80 -8.81 -34.56
N ASN C 131 12.94 -9.38 -33.37
CA ASN C 131 14.18 -9.95 -32.89
C ASN C 131 14.85 -11.12 -33.68
N GLU C 132 14.07 -12.13 -34.02
CA GLU C 132 14.52 -13.37 -34.62
C GLU C 132 13.53 -13.68 -35.72
N PRO C 133 13.75 -13.17 -36.93
CA PRO C 133 12.92 -13.60 -38.03
C PRO C 133 12.85 -15.14 -38.24
N ASN C 134 11.66 -15.62 -38.60
CA ASN C 134 11.45 -17.02 -38.97
C ASN C 134 11.45 -17.08 -40.49
N THR C 135 12.50 -17.66 -41.02
CA THR C 135 12.65 -17.84 -42.45
C THR C 135 12.05 -19.16 -42.94
N PHE C 136 11.19 -19.79 -42.14
CA PHE C 136 10.51 -21.04 -42.59
C PHE C 136 9.52 -20.84 -43.78
N SER C 137 8.39 -20.18 -43.56
CA SER C 137 7.51 -19.83 -44.70
C SER C 137 7.29 -18.32 -44.67
N PRO C 138 8.18 -17.60 -45.29
CA PRO C 138 8.20 -16.19 -45.01
C PRO C 138 7.09 -15.43 -45.69
N ALA C 139 6.55 -14.44 -45.00
CA ALA C 139 5.60 -13.51 -45.58
C ALA C 139 6.28 -12.69 -46.68
N ASN C 140 7.55 -12.38 -46.51
CA ASN C 140 8.20 -11.56 -47.50
C ASN C 140 9.45 -12.31 -47.99
N VAL C 141 9.29 -13.09 -49.08
CA VAL C 141 10.36 -13.95 -49.62
C VAL C 141 11.66 -13.20 -49.79
N ASP C 142 11.58 -12.03 -50.42
CA ASP C 142 12.77 -11.25 -50.74
C ASP C 142 13.51 -10.72 -49.49
N ALA C 143 12.76 -10.35 -48.47
CA ALA C 143 13.40 -9.95 -47.24
C ALA C 143 14.04 -11.19 -46.58
N SER C 144 13.36 -12.34 -46.59
CA SER C 144 13.93 -13.59 -46.10
C SER C 144 15.26 -13.93 -46.75
N VAL C 145 15.38 -13.66 -48.02
CA VAL C 145 16.57 -14.04 -48.76
C VAL C 145 17.70 -13.10 -48.34
N MET C 146 17.39 -11.80 -48.27
CA MET C 146 18.38 -10.81 -47.87
C MET C 146 18.82 -11.03 -46.43
N TYR C 147 17.87 -11.36 -45.55
CA TYR C 147 18.21 -11.53 -44.16
C TYR C 147 19.08 -12.79 -43.96
N ARG C 148 18.75 -13.88 -44.64
CA ARG C 148 19.53 -15.10 -44.45
C ARG C 148 20.97 -14.93 -44.95
N LYS C 149 21.16 -14.11 -45.98
CA LYS C 149 22.46 -13.79 -46.51
C LYS C 149 23.26 -12.90 -45.55
N TRP C 150 22.54 -12.12 -44.72
CA TRP C 150 23.15 -11.30 -43.67
C TRP C 150 23.64 -12.17 -42.52
N LYS C 151 22.79 -13.07 -42.02
CA LYS C 151 23.24 -14.13 -41.12
C LYS C 151 24.46 -14.93 -41.64
N GLU C 152 24.33 -15.59 -42.80
CA GLU C 152 25.37 -16.48 -43.33
C GLU C 152 26.75 -15.85 -43.45
N SER C 153 26.78 -14.53 -43.56
CA SER C 153 28.01 -13.77 -43.73
C SER C 153 28.50 -13.20 -42.41
N LYS C 154 28.03 -13.77 -41.30
CA LYS C 154 28.27 -13.25 -39.95
C LYS C 154 28.18 -11.70 -39.87
N GLY C 155 27.41 -11.13 -40.79
CA GLY C 155 27.01 -9.73 -40.74
C GLY C 155 27.80 -8.75 -41.58
N LYS C 156 28.20 -9.16 -42.79
CA LYS C 156 29.08 -8.37 -43.66
C LYS C 156 28.41 -8.05 -44.97
N ASP C 157 27.19 -8.53 -45.11
CA ASP C 157 26.32 -8.04 -46.13
C ASP C 157 25.58 -6.88 -45.44
N ARG C 158 25.41 -5.78 -46.16
CA ARG C 158 24.79 -4.60 -45.60
C ARG C 158 23.43 -4.35 -46.25
N GLU C 159 23.06 -5.21 -47.21
CA GLU C 159 21.83 -5.05 -48.00
C GLU C 159 20.53 -5.05 -47.19
N TYR C 160 20.36 -6.06 -46.34
CA TYR C 160 19.22 -6.06 -45.43
C TYR C 160 19.28 -4.85 -44.51
N THR C 161 20.42 -4.69 -43.80
CA THR C 161 20.47 -3.69 -42.74
C THR C 161 20.39 -2.26 -43.27
N ASP C 162 20.95 -2.02 -44.45
CA ASP C 162 20.82 -0.76 -45.15
C ASP C 162 19.36 -0.36 -45.25
N ILE C 163 18.50 -1.32 -45.66
CA ILE C 163 17.09 -1.04 -45.89
C ILE C 163 16.41 -0.71 -44.57
N ILE C 164 16.74 -1.45 -43.51
CA ILE C 164 16.18 -1.07 -42.20
C ILE C 164 16.55 0.34 -41.83
N ARG C 165 17.82 0.73 -42.04
CA ARG C 165 18.31 2.08 -41.66
C ARG C 165 17.54 3.15 -42.35
N LYS C 166 17.24 2.87 -43.61
CA LYS C 166 16.50 3.77 -44.45
C LYS C 166 15.13 3.94 -43.88
N GLN C 167 14.53 2.85 -43.41
CA GLN C 167 13.19 2.97 -42.88
C GLN C 167 13.27 3.74 -41.59
N VAL C 168 14.24 3.39 -40.76
CA VAL C 168 14.31 4.06 -39.47
C VAL C 168 14.44 5.57 -39.70
N LEU C 169 15.28 5.98 -40.69
CA LEU C 169 15.45 7.40 -41.05
C LEU C 169 14.12 8.07 -41.50
N GLY C 170 13.34 7.36 -42.31
CA GLY C 170 12.01 7.82 -42.70
C GLY C 170 11.17 8.19 -41.50
N THR C 171 11.22 7.36 -40.45
CA THR C 171 10.32 7.59 -39.32
C THR C 171 10.46 8.93 -38.59
N LYS C 172 11.62 9.58 -38.74
CA LYS C 172 11.80 10.94 -38.24
C LYS C 172 10.69 11.91 -38.68
N VAL C 173 10.24 11.76 -39.92
CA VAL C 173 9.18 12.59 -40.49
C VAL C 173 7.86 12.33 -39.76
N ASP C 174 7.49 11.06 -39.64
CA ASP C 174 6.33 10.65 -38.83
C ASP C 174 6.36 11.18 -37.42
N ALA C 175 7.49 11.00 -36.74
CA ALA C 175 7.68 11.47 -35.38
C ALA C 175 7.35 12.96 -35.31
N GLU C 176 7.79 13.73 -36.30
CA GLU C 176 7.59 15.17 -36.26
C GLU C 176 6.14 15.50 -36.49
N ARG C 177 5.53 14.88 -37.49
CA ARG C 177 4.09 15.01 -37.70
C ARG C 177 3.26 14.70 -36.41
N ASP C 178 3.68 13.67 -35.69
CA ASP C 178 2.92 13.16 -34.54
C ASP C 178 3.33 13.90 -33.23
N GLY C 179 4.41 14.66 -33.31
CA GLY C 179 4.94 15.32 -32.13
C GLY C 179 5.45 14.38 -31.07
N VAL C 180 6.32 13.45 -31.48
CA VAL C 180 6.82 12.40 -30.60
C VAL C 180 8.20 12.72 -29.91
N LYS C 181 9.24 11.90 -30.09
CA LYS C 181 10.51 11.98 -29.30
C LYS C 181 11.75 11.19 -29.87
N LEU D 12 11.51 4.76 19.44
CA LEU D 12 12.46 5.90 19.60
C LEU D 12 12.64 6.31 21.07
N LEU D 13 11.53 6.61 21.73
CA LEU D 13 11.56 7.05 23.10
C LEU D 13 11.93 5.89 24.02
N LEU D 14 11.39 4.70 23.79
CA LEU D 14 11.84 3.57 24.63
C LEU D 14 13.29 3.10 24.27
N GLU D 15 13.65 3.25 23.00
CA GLU D 15 15.03 3.01 22.61
C GLU D 15 15.95 4.05 23.26
N LEU D 16 15.50 5.29 23.31
CA LEU D 16 16.26 6.34 24.02
C LEU D 16 16.36 6.06 25.53
N LYS D 17 15.25 5.71 26.17
CA LYS D 17 15.26 5.27 27.58
C LYS D 17 16.28 4.16 27.71
N GLY D 18 16.12 3.18 26.80
CA GLY D 18 17.05 2.08 26.60
C GLY D 18 18.49 2.42 26.85
N LEU D 19 19.03 3.46 26.22
CA LEU D 19 20.45 3.74 26.40
C LEU D 19 20.79 4.48 27.71
N GLN D 20 19.82 4.62 28.59
CA GLN D 20 20.09 5.38 29.81
C GLN D 20 20.24 4.35 30.90
N GLU D 21 19.29 3.42 30.94
CA GLU D 21 19.27 2.34 31.93
C GLU D 21 20.34 1.27 31.65
N GLU D 22 20.68 1.06 30.39
CA GLU D 22 21.76 0.15 30.03
C GLU D 22 22.70 0.84 29.00
N PRO D 23 23.54 1.77 29.49
CA PRO D 23 24.34 2.62 28.62
C PRO D 23 25.49 1.87 27.97
N VAL D 24 25.92 2.32 26.79
CA VAL D 24 27.16 1.78 26.28
C VAL D 24 28.19 2.72 26.80
N GLU D 25 29.12 2.19 27.59
CA GLU D 25 30.08 2.99 28.30
C GLU D 25 30.84 3.94 27.37
N GLY D 26 31.01 5.18 27.81
CA GLY D 26 31.66 6.23 27.06
C GLY D 26 30.76 7.08 26.18
N PHE D 27 29.49 6.71 26.09
CA PHE D 27 28.55 7.34 25.16
C PHE D 27 27.41 8.05 25.90
N ARG D 28 27.17 9.34 25.66
CA ARG D 28 25.95 9.89 26.29
C ARG D 28 24.97 10.40 25.24
N VAL D 29 23.77 9.89 25.26
CA VAL D 29 22.82 10.09 24.18
C VAL D 29 21.64 10.96 24.63
N THR D 30 21.38 12.03 23.90
CA THR D 30 20.32 13.00 24.16
C THR D 30 19.64 13.48 22.87
N LEU D 31 18.41 13.97 22.97
CA LEU D 31 17.79 14.64 21.83
C LEU D 31 18.44 15.99 21.74
N VAL D 32 18.52 16.55 20.52
CA VAL D 32 18.96 17.94 20.33
C VAL D 32 17.95 18.86 21.07
N ASP D 33 16.88 19.27 20.39
CA ASP D 33 15.77 19.97 21.05
C ASP D 33 14.61 19.00 21.35
N GLU D 34 13.86 19.27 22.42
CA GLU D 34 12.87 18.32 22.99
C GLU D 34 11.69 17.93 22.09
N GLY D 35 11.46 18.71 21.03
CA GLY D 35 10.30 18.48 20.16
C GLY D 35 10.64 17.84 18.84
N ASP D 36 11.79 17.16 18.79
CA ASP D 36 12.19 16.39 17.62
C ASP D 36 13.01 15.14 18.02
N LEU D 37 12.31 14.02 18.09
CA LEU D 37 12.88 12.72 18.42
C LEU D 37 13.72 12.05 17.33
N TYR D 38 13.77 12.62 16.12
CA TYR D 38 14.47 12.00 14.99
C TYR D 38 15.95 12.47 14.88
N ASN D 39 16.37 13.31 15.82
CA ASN D 39 17.75 13.80 15.82
C ASN D 39 18.38 13.79 17.20
N TRP D 40 19.31 12.85 17.39
CA TRP D 40 19.99 12.69 18.68
C TRP D 40 21.40 13.17 18.60
N GLU D 41 21.84 13.94 19.61
CA GLU D 41 23.26 14.11 19.86
C GLU D 41 23.88 12.95 20.69
N VAL D 42 25.17 12.70 20.40
CA VAL D 42 25.89 11.62 21.06
C VAL D 42 27.16 12.21 21.46
N ALA D 43 27.48 12.33 22.75
CA ALA D 43 28.83 12.75 23.22
C ALA D 43 29.58 11.48 23.54
N ILE D 44 30.84 11.40 23.12
CA ILE D 44 31.62 10.15 23.19
C ILE D 44 32.88 10.43 23.95
N PHE D 45 33.13 9.74 25.05
CA PHE D 45 34.30 10.00 25.90
C PHE D 45 35.46 8.99 25.70
N GLY D 46 36.66 9.49 25.36
CA GLY D 46 37.85 8.67 25.18
C GLY D 46 38.21 8.09 26.51
N PRO D 47 38.28 6.76 26.59
CA PRO D 47 38.55 6.09 27.85
C PRO D 47 39.99 6.30 28.34
N PRO D 48 40.15 6.31 29.65
CA PRO D 48 41.49 6.47 30.26
C PRO D 48 42.54 5.47 29.71
N ASN D 49 43.75 5.95 29.53
CA ASN D 49 44.89 5.10 29.23
C ASN D 49 44.92 4.57 27.79
N THR D 50 44.28 5.34 26.91
CA THR D 50 44.32 5.15 25.45
C THR D 50 44.87 6.46 24.84
N TYR D 51 45.26 6.45 23.57
CA TYR D 51 45.63 7.72 22.90
C TYR D 51 44.43 8.68 22.80
N TYR D 52 43.23 8.11 23.01
CA TYR D 52 42.00 8.88 23.02
C TYR D 52 41.69 9.53 24.35
N GLU D 53 42.50 9.22 25.36
CA GLU D 53 42.11 9.52 26.72
C GLU D 53 41.78 10.99 26.88
N GLY D 54 40.73 11.26 27.67
CA GLY D 54 40.36 12.61 27.95
C GLY D 54 39.80 13.36 26.75
N GLY D 55 39.56 12.63 25.62
CA GLY D 55 38.92 13.19 24.48
C GLY D 55 37.42 13.37 24.69
N TYR D 56 36.87 14.46 24.16
CA TYR D 56 35.41 14.66 24.20
C TYR D 56 34.88 14.70 22.75
N PHE D 57 34.29 13.63 22.24
CA PHE D 57 33.94 13.60 20.79
C PHE D 57 32.46 13.78 20.60
N LYS D 58 32.08 14.52 19.56
CA LYS D 58 30.65 14.69 19.27
C LYS D 58 30.17 13.97 17.99
N ALA D 59 28.95 13.48 18.02
CA ALA D 59 28.42 12.84 16.85
C ALA D 59 26.94 13.02 16.86
N ARG D 60 26.32 12.59 15.77
CA ARG D 60 24.92 12.80 15.60
C ARG D 60 24.25 11.50 15.11
N LEU D 61 23.07 11.20 15.66
CA LEU D 61 22.23 10.19 15.02
C LEU D 61 20.96 10.78 14.37
N LYS D 62 20.82 10.49 13.08
CA LYS D 62 19.61 10.88 12.33
C LYS D 62 18.79 9.69 11.99
N PHE D 63 17.47 9.75 12.20
CA PHE D 63 16.53 8.64 11.92
C PHE D 63 15.55 9.04 10.86
N PRO D 64 15.38 8.17 9.82
CA PRO D 64 14.39 8.42 8.78
C PRO D 64 12.95 8.26 9.31
N ILE D 65 11.99 8.78 8.55
CA ILE D 65 10.56 8.88 8.92
C ILE D 65 9.91 7.54 9.28
N ASP D 66 10.46 6.46 8.67
CA ASP D 66 9.95 5.09 8.77
C ASP D 66 10.92 4.07 9.40
N TYR D 67 11.94 4.57 10.10
CA TYR D 67 12.67 3.78 11.09
C TYR D 67 11.59 2.93 11.83
N PRO D 68 11.86 1.64 12.07
CA PRO D 68 13.12 0.93 11.76
C PRO D 68 13.12 0.12 10.47
N TYR D 69 12.17 0.34 9.60
CA TYR D 69 12.27 -0.33 8.34
C TYR D 69 13.48 0.17 7.53
N SER D 70 14.00 1.34 7.91
CA SER D 70 15.24 1.90 7.37
C SER D 70 16.19 2.19 8.55
N PRO D 71 17.51 2.06 8.33
CA PRO D 71 18.42 2.33 9.43
C PRO D 71 18.62 3.80 9.66
N PRO D 72 19.08 4.18 10.86
CA PRO D 72 19.62 5.50 11.14
C PRO D 72 20.94 5.75 10.41
N ALA D 73 21.65 6.78 10.86
CA ALA D 73 22.80 7.34 10.18
C ALA D 73 23.61 7.90 11.34
N PHE D 74 24.83 7.36 11.49
CA PHE D 74 25.76 7.88 12.44
C PHE D 74 26.77 8.75 11.71
N ARG D 75 26.98 9.97 12.21
CA ARG D 75 28.05 10.85 11.66
C ARG D 75 28.79 11.57 12.80
N PHE D 76 30.15 11.54 12.85
CA PHE D 76 30.90 12.33 13.83
C PHE D 76 30.80 13.73 13.36
N LEU D 77 30.67 14.66 14.31
CA LEU D 77 30.74 16.09 14.04
C LEU D 77 32.21 16.52 14.21
N THR D 78 32.87 15.88 15.18
CA THR D 78 34.28 16.16 15.42
C THR D 78 35.03 15.52 14.28
N LYS D 79 36.03 16.24 13.74
CA LYS D 79 36.91 15.69 12.68
C LYS D 79 37.69 14.50 13.24
N MET D 80 37.57 13.35 12.59
CA MET D 80 38.23 12.15 13.16
C MET D 80 39.18 11.57 12.12
N TRP D 81 40.44 11.34 12.52
CA TRP D 81 41.42 10.69 11.61
C TRP D 81 41.33 9.23 11.91
N HIS D 82 40.75 8.45 11.00
CA HIS D 82 40.55 7.03 11.31
C HIS D 82 40.32 6.23 10.04
N PRO D 83 40.91 5.03 9.92
CA PRO D 83 40.73 4.28 8.68
C PRO D 83 39.26 4.00 8.28
N ASN D 84 38.37 3.82 9.25
CA ASN D 84 36.96 3.56 8.92
C ASN D 84 36.03 4.78 9.03
N ILE D 85 36.56 5.99 9.19
CA ILE D 85 35.68 7.13 9.31
C ILE D 85 35.96 8.05 8.15
N TYR D 86 34.96 8.40 7.36
CA TYR D 86 35.17 9.36 6.23
C TYR D 86 35.52 10.78 6.68
N GLU D 87 36.16 11.55 5.79
CA GLU D 87 36.55 12.93 6.09
C GLU D 87 35.31 13.78 6.47
N THR D 88 34.17 13.45 5.82
CA THR D 88 32.86 14.04 6.17
C THR D 88 32.36 13.65 7.58
N GLY D 89 32.96 12.66 8.22
CA GLY D 89 32.43 12.31 9.49
C GLY D 89 31.57 11.08 9.46
N ASP D 90 31.10 10.68 8.27
CA ASP D 90 30.30 9.47 8.13
C ASP D 90 31.02 8.18 8.56
N VAL D 91 30.23 7.22 9.04
CA VAL D 91 30.72 5.90 9.27
C VAL D 91 29.82 4.93 8.50
N CYS D 92 30.43 3.96 7.82
CA CYS D 92 29.70 2.88 7.16
C CYS D 92 29.53 1.60 8.04
N ASN D 118 18.96 -1.74 15.76
CA ASN D 118 18.72 -0.70 16.74
C ASN D 118 19.98 0.12 17.12
N VAL D 119 19.81 1.08 18.01
CA VAL D 119 20.84 2.08 18.27
C VAL D 119 22.01 1.49 19.04
N ARG D 120 21.74 0.63 20.02
CA ARG D 120 22.80 -0.07 20.77
C ARG D 120 23.84 -0.74 19.82
N THR D 121 23.37 -1.51 18.86
CA THR D 121 24.30 -2.22 18.00
C THR D 121 25.12 -1.26 17.13
N ILE D 122 24.49 -0.20 16.66
CA ILE D 122 25.23 0.82 15.92
C ILE D 122 26.35 1.34 16.80
N LEU D 123 26.01 1.68 18.02
CA LEU D 123 26.99 2.25 18.92
C LEU D 123 28.11 1.26 19.24
N LEU D 124 27.74 0.00 19.50
CA LEU D 124 28.75 -1.01 19.83
C LEU D 124 29.62 -1.30 18.61
N SER D 125 29.07 -1.17 17.40
CA SER D 125 29.89 -1.34 16.22
C SER D 125 30.91 -0.19 16.13
N VAL D 126 30.49 0.99 16.57
CA VAL D 126 31.36 2.15 16.46
C VAL D 126 32.52 1.96 17.37
N ILE D 127 32.24 1.63 18.66
CA ILE D 127 33.25 1.28 19.65
C ILE D 127 34.23 0.21 19.13
N SER D 128 33.71 -0.78 18.42
CA SER D 128 34.56 -1.82 17.92
C SER D 128 35.49 -1.35 16.74
N LEU D 129 34.96 -0.50 15.88
CA LEU D 129 35.76 0.22 14.91
C LEU D 129 36.84 1.08 15.59
N LEU D 130 36.45 1.96 16.52
CA LEU D 130 37.41 2.70 17.36
C LEU D 130 38.53 1.83 17.95
N ASN D 131 38.20 0.70 18.57
CA ASN D 131 39.25 -0.16 19.14
C ASN D 131 40.17 -0.80 18.07
N GLU D 132 39.55 -1.44 17.08
CA GLU D 132 40.32 -2.20 16.12
C GLU D 132 39.77 -1.92 14.73
N PRO D 133 40.45 -1.02 14.01
CA PRO D 133 40.06 -0.67 12.65
C PRO D 133 40.02 -1.89 11.70
N ASN D 134 39.18 -1.82 10.69
CA ASN D 134 39.23 -2.78 9.63
C ASN D 134 39.91 -2.17 8.39
N THR D 135 40.89 -2.87 7.83
CA THR D 135 41.64 -2.30 6.72
C THR D 135 41.34 -2.98 5.38
N PHE D 136 40.18 -3.60 5.29
CA PHE D 136 39.73 -4.29 4.09
C PHE D 136 39.37 -3.26 2.99
N SER D 137 38.31 -2.48 3.26
CA SER D 137 38.01 -1.25 2.45
C SER D 137 38.04 -0.12 3.45
N PRO D 138 39.20 0.48 3.64
CA PRO D 138 39.10 1.60 4.55
C PRO D 138 38.25 2.71 3.91
N ALA D 139 37.49 3.42 4.75
CA ALA D 139 36.87 4.68 4.36
C ALA D 139 37.92 5.75 4.08
N ASN D 140 39.03 5.70 4.84
CA ASN D 140 40.12 6.66 4.70
C ASN D 140 41.44 5.92 4.51
N VAL D 141 41.91 5.90 3.28
CA VAL D 141 43.03 5.04 2.92
C VAL D 141 44.33 5.57 3.55
N ASP D 142 44.54 6.90 3.48
CA ASP D 142 45.68 7.52 4.13
C ASP D 142 45.72 7.11 5.64
N ALA D 143 44.60 7.18 6.34
CA ALA D 143 44.61 6.81 7.76
C ALA D 143 45.01 5.36 7.89
N SER D 144 44.46 4.55 7.01
CA SER D 144 44.70 3.13 7.05
C SER D 144 46.17 2.74 6.81
N VAL D 145 46.87 3.38 5.86
CA VAL D 145 48.30 3.15 5.66
C VAL D 145 49.10 3.57 6.90
N MET D 146 48.80 4.74 7.48
CA MET D 146 49.50 5.19 8.70
C MET D 146 49.22 4.28 9.87
N TYR D 147 47.97 3.80 9.98
CA TYR D 147 47.64 2.84 10.98
C TYR D 147 48.51 1.59 10.83
N ARG D 148 48.55 1.06 9.59
CA ARG D 148 49.22 -0.20 9.32
C ARG D 148 50.71 -0.11 9.63
N LYS D 149 51.32 1.02 9.29
CA LYS D 149 52.70 1.27 9.68
C LYS D 149 52.88 1.38 11.20
N TRP D 150 51.88 1.89 11.91
CA TRP D 150 51.95 1.99 13.37
C TRP D 150 51.90 0.61 14.02
N LYS D 151 50.94 -0.23 13.61
CA LYS D 151 50.81 -1.55 14.18
C LYS D 151 52.03 -2.42 13.84
N GLU D 152 52.45 -2.41 12.58
CA GLU D 152 53.61 -3.20 12.18
C GLU D 152 54.92 -2.45 12.38
N SER D 153 54.94 -1.59 13.40
CA SER D 153 56.17 -1.02 13.89
C SER D 153 56.21 -1.29 15.37
N LYS D 154 55.18 -2.03 15.82
CA LYS D 154 54.91 -2.35 17.23
C LYS D 154 54.62 -1.11 18.10
N GLY D 155 53.99 -0.10 17.50
CA GLY D 155 53.59 1.12 18.21
C GLY D 155 54.67 2.17 18.41
N LYS D 156 55.56 2.34 17.42
CA LYS D 156 56.73 3.22 17.57
C LYS D 156 56.96 4.28 16.48
N ASP D 157 56.06 4.37 15.51
CA ASP D 157 56.10 5.45 14.51
C ASP D 157 54.96 6.43 14.82
N ARG D 158 55.35 7.59 15.36
CA ARG D 158 54.40 8.50 16.01
C ARG D 158 53.34 9.17 15.09
N GLU D 159 53.49 9.08 13.77
CA GLU D 159 52.63 9.89 12.91
C GLU D 159 51.13 9.76 13.23
N TYR D 160 50.61 8.54 13.17
CA TYR D 160 49.20 8.33 13.37
C TYR D 160 48.75 8.76 14.75
N THR D 161 49.65 8.59 15.73
CA THR D 161 49.31 8.78 17.12
C THR D 161 49.33 10.26 17.48
N ASP D 162 50.18 10.99 16.76
CA ASP D 162 50.25 12.42 16.90
C ASP D 162 48.97 13.05 16.39
N ILE D 163 48.50 12.58 15.24
CA ILE D 163 47.18 13.01 14.81
C ILE D 163 46.15 12.81 15.92
N ILE D 164 46.10 11.58 16.48
CA ILE D 164 45.06 11.29 17.40
C ILE D 164 45.16 12.32 18.51
N ARG D 165 46.36 12.47 19.07
CA ARG D 165 46.60 13.37 20.19
C ARG D 165 46.21 14.79 19.87
N LYS D 166 46.46 15.24 18.66
CA LYS D 166 46.09 16.61 18.33
C LYS D 166 44.59 16.82 18.41
N GLN D 167 43.82 15.85 17.86
CA GLN D 167 42.37 15.92 17.84
C GLN D 167 41.88 15.87 19.29
N VAL D 168 42.33 14.90 20.07
CA VAL D 168 42.02 14.93 21.48
C VAL D 168 42.23 16.32 22.15
N LEU D 169 43.39 16.93 21.90
CA LEU D 169 43.67 18.21 22.51
C LEU D 169 42.68 19.27 22.07
N GLY D 170 42.28 19.17 20.79
CA GLY D 170 41.37 20.12 20.23
C GLY D 170 39.96 20.04 20.83
N THR D 171 39.52 18.84 21.23
CA THR D 171 38.16 18.70 21.73
C THR D 171 37.96 19.46 23.07
N LYS D 172 39.05 19.72 23.78
CA LYS D 172 38.98 20.62 24.91
C LYS D 172 38.24 21.95 24.62
N VAL D 173 38.39 22.52 23.41
CA VAL D 173 37.52 23.65 22.96
C VAL D 173 35.99 23.30 23.02
N ASP D 174 35.63 22.16 22.47
CA ASP D 174 34.21 21.76 22.46
C ASP D 174 33.73 21.50 23.89
N ALA D 175 34.54 20.80 24.70
CA ALA D 175 34.24 20.59 26.12
C ALA D 175 33.88 21.94 26.85
N GLU D 176 34.72 22.96 26.67
CA GLU D 176 34.41 24.28 27.22
C GLU D 176 33.09 24.87 26.66
N ARG D 177 32.90 24.80 25.34
CA ARG D 177 31.72 25.35 24.75
C ARG D 177 30.49 24.64 25.35
N ASP D 178 30.52 23.30 25.39
CA ASP D 178 29.39 22.53 25.95
C ASP D 178 29.24 22.53 27.47
N GLY D 179 30.20 23.09 28.22
CA GLY D 179 30.15 23.06 29.71
C GLY D 179 30.43 21.70 30.35
N VAL D 180 31.29 20.91 29.69
CA VAL D 180 31.64 19.58 30.15
C VAL D 180 33.06 19.55 30.66
N LYS D 181 33.26 18.88 31.78
CA LYS D 181 34.54 18.85 32.49
C LYS D 181 35.52 17.86 31.89
N VAL D 182 36.78 18.27 31.82
CA VAL D 182 37.83 17.52 31.11
C VAL D 182 39.09 17.08 31.92
O1 U94 E . -10.77 5.30 -15.15
C2 U94 E . -10.65 6.00 -14.09
C3 U94 E . -10.12 5.33 -12.74
O4 U94 E . -10.94 7.22 -13.99
C5 U94 E . -10.65 3.92 -12.47
C6 U94 E . -11.96 3.86 -11.65
C7 U94 E . -12.10 4.88 -10.51
O8 U94 E . -8.68 5.27 -12.59
O9 U94 E . -9.63 3.15 -11.86
N10 U94 E . -12.11 2.63 -10.95
C11 U94 E . -12.84 1.58 -11.29
O12 U94 E . -13.44 1.38 -12.34
C13 U94 E . -12.85 0.50 -10.26
O14 U94 E . -13.66 -0.54 -10.53
C15 U94 E . -13.05 -1.36 -9.60
C16 U94 E . -13.60 5.25 -10.43
C17 U94 E . -14.06 6.22 -11.29
C18 U94 E . -15.39 6.57 -11.24
C19 U94 E . -16.22 5.97 -10.35
C20 U94 E . -15.77 4.99 -9.48
C21 U94 E . -14.45 4.61 -9.54
C22 U94 E . -17.55 6.34 -10.39
C23 U94 E . -17.92 7.65 -10.56
C24 U94 E . -19.26 7.99 -10.62
C25 U94 E . -20.24 7.01 -10.56
C26 U94 E . -19.84 5.69 -10.38
C27 U94 E . -18.51 5.35 -10.32
CL28 U94 E . -21.03 4.47 -10.28
CL29 U94 E . -19.74 9.64 -10.82
O1 U94 F . -20.44 -1.34 34.83
C2 U94 F . -19.52 -1.37 33.99
C3 U94 F . -20.00 -1.40 32.43
O4 U94 F . -18.30 -1.45 34.33
C5 U94 F . -18.98 -0.92 31.30
C6 U94 F . -18.36 -2.04 30.37
C7 U94 F . -16.96 -1.71 29.80
O8 U94 F . -20.49 -2.70 32.11
O9 U94 F . -17.99 -0.08 31.89
N10 U94 F . -19.20 -2.36 29.21
C11 U94 F . -19.80 -3.54 28.93
O12 U94 F . -19.75 -4.52 29.64
C13 U94 F . -20.54 -3.77 27.63
O14 U94 F . -21.60 -2.91 27.33
C15 U94 F . -21.17 -1.79 26.64
C16 U94 F . -16.10 -2.92 29.37
C17 U94 F . -15.05 -3.34 30.20
C18 U94 F . -14.25 -4.42 29.87
C19 U94 F . -14.40 -5.10 28.66
C20 U94 F . -15.45 -4.70 27.82
C21 U94 F . -16.28 -3.62 28.16
C22 U94 F . -13.59 -6.25 28.44
C23 U94 F . -12.27 -6.37 28.90
C24 U94 F . -11.55 -7.57 28.74
C25 U94 F . -12.18 -8.64 28.13
C26 U94 F . -13.49 -8.55 27.70
C27 U94 F . -14.19 -7.36 27.86
CL28 U94 F . -14.20 -9.95 26.96
CL29 U94 F . -9.94 -7.83 29.33
O1 U94 G . 23.12 -6.22 -33.57
C2 U94 G . 22.57 -6.31 -32.44
C3 U94 G . 21.10 -6.81 -32.38
O4 U94 G . 23.12 -6.04 -31.34
C5 U94 G . 20.45 -6.79 -33.77
C6 U94 G . 18.89 -6.71 -33.86
C7 U94 G . 17.98 -7.68 -33.01
O8 U94 G . 21.06 -8.15 -31.92
O9 U94 G . 20.99 -7.87 -34.56
N10 U94 G . 18.58 -6.85 -35.29
C11 U94 G . 18.47 -5.81 -36.10
O12 U94 G . 18.60 -4.65 -35.73
C13 U94 G . 18.16 -6.11 -37.56
O14 U94 G . 18.85 -7.31 -37.84
C15 U94 G . 18.14 -8.05 -38.79
C16 U94 G . 16.66 -6.88 -32.71
C17 U94 G . 16.40 -6.41 -31.42
C18 U94 G . 15.26 -5.66 -31.15
C19 U94 G . 14.32 -5.37 -32.14
C20 U94 G . 14.60 -5.83 -33.43
C21 U94 G . 15.74 -6.56 -33.71
C22 U94 G . 13.20 -4.55 -31.86
C23 U94 G . 12.56 -4.47 -30.60
C24 U94 G . 11.49 -3.58 -30.44
C25 U94 G . 11.09 -2.74 -31.47
C26 U94 G . 11.73 -2.77 -32.70
C27 U94 G . 12.78 -3.67 -32.87
CL28 U94 G . 11.17 -1.71 -33.94
CL29 U94 G . 10.60 -3.43 -28.96
O1 U94 H . 47.46 1.60 22.58
C2 U94 H . 46.69 1.87 23.55
C3 U94 H . 45.26 1.30 23.48
O4 U94 H . 46.96 2.58 24.56
C5 U94 H . 44.93 0.91 22.04
C6 U94 H . 43.73 1.79 21.68
C7 U94 H . 42.44 1.01 21.60
O8 U94 H . 45.00 0.24 24.46
O9 U94 H . 44.64 -0.49 21.89
N10 U94 H . 43.97 2.56 20.47
C11 U94 H . 44.27 3.85 20.50
O12 U94 H . 44.37 4.45 21.56
C13 U94 H . 44.40 4.61 19.16
O14 U94 H . 45.38 4.11 18.23
C15 U94 H . 44.83 3.09 17.41
C16 U94 H . 41.24 1.91 21.74
C17 U94 H . 40.60 1.96 22.99
C18 U94 H . 39.47 2.74 23.18
C19 U94 H . 38.97 3.48 22.10
C20 U94 H . 39.62 3.43 20.86
C21 U94 H . 40.75 2.65 20.66
C22 U94 H . 37.85 4.29 22.33
C23 U94 H . 36.72 3.82 23.02
C24 U94 H . 35.61 4.63 23.28
C25 U94 H . 35.65 5.95 22.83
C26 U94 H . 36.77 6.42 22.16
C27 U94 H . 37.87 5.60 21.90
CL28 U94 H . 36.81 8.04 21.62
CL29 U94 H . 34.18 4.05 24.12
#